data_1TZ9
#
_entry.id   1TZ9
#
_cell.length_a   49.340
_cell.length_b   89.941
_cell.length_c   156.756
_cell.angle_alpha   90.00
_cell.angle_beta   90.00
_cell.angle_gamma   90.00
#
_symmetry.space_group_name_H-M   'P 21 21 21'
#
loop_
_entity.id
_entity.type
_entity.pdbx_description
1 polymer 'Mannonate dehydratase'
2 water water
#
_entity_poly.entity_id   1
_entity_poly.type   'polypeptide(L)'
_entity_poly.pdbx_seq_one_letter_code
;MGHHHHHHSH(MSE)KWGFRWYGAAGDAIPLKHIRQIPGITGVVGTLLNKLPGDVWTVAEIQALKQSVEQEGLALLGIES
VAIHDAIKAGTDQRDHYIDNYRQTLRNLGKCGISLVCYSFKPIFGWAKTDLAYENEDGSLSLLFDQAVVEN(MSE)QPED
(MSE)YQLIHSQSKGFRLPGWEEERLQQFQELKA(MSE)YAGVTEEDLVENLRYFLERVIPVCEEENIK(MSE)GIHPDD
PPWEIFGLPRITKNLADLKRILSLVDSPANGITFCTGSLGADPTNDLPT(MSE)IREIGHRINFVHFRNVKYLGEHRFEE
TAHPSVAGSLD(MSE)AEL(MSE)QALVDVGYEGVIRPDHGRAIWDEKA(MSE)PGYGLYDRA(MSE)GLTYIQGLYEAT
KAKQNRK
;
_entity_poly.pdbx_strand_id   A,B
#
# COMPACT_ATOMS: atom_id res chain seq x y z
N LYS A 12 -7.11 15.14 -1.69
CA LYS A 12 -8.08 14.27 -1.02
C LYS A 12 -7.98 12.80 -1.47
N TRP A 13 -7.36 11.96 -0.63
CA TRP A 13 -7.22 10.55 -0.99
C TRP A 13 -8.56 9.87 -0.94
N GLY A 14 -9.07 9.52 -2.13
CA GLY A 14 -10.36 8.90 -2.24
C GLY A 14 -10.31 7.41 -2.51
N PHE A 15 -11.49 6.79 -2.51
CA PHE A 15 -11.60 5.36 -2.74
C PHE A 15 -13.03 4.99 -3.14
N ARG A 16 -13.19 4.52 -4.37
CA ARG A 16 -14.50 4.15 -4.89
C ARG A 16 -15.23 3.11 -4.02
N TRP A 17 -16.49 3.39 -3.72
CA TRP A 17 -17.30 2.49 -2.90
C TRP A 17 -18.71 2.38 -3.44
N TYR A 18 -19.24 1.17 -3.53
CA TYR A 18 -20.57 0.98 -4.06
C TYR A 18 -21.67 1.05 -3.03
N GLY A 19 -21.39 1.73 -1.93
CA GLY A 19 -22.38 1.87 -0.87
C GLY A 19 -22.74 0.55 -0.20
N ALA A 20 -23.65 0.63 0.76
CA ALA A 20 -24.12 -0.54 1.49
C ALA A 20 -25.06 -1.35 0.60
N ALA A 21 -24.52 -1.89 -0.49
CA ALA A 21 -25.31 -2.67 -1.42
C ALA A 21 -24.41 -3.24 -2.53
N GLY A 22 -24.40 -4.56 -2.65
CA GLY A 22 -23.57 -5.18 -3.68
C GLY A 22 -22.09 -5.13 -3.37
N ASP A 23 -21.64 -4.02 -2.79
CA ASP A 23 -20.24 -3.84 -2.42
C ASP A 23 -19.95 -4.68 -1.17
N ALA A 24 -19.35 -5.84 -1.39
CA ALA A 24 -19.02 -6.76 -0.30
C ALA A 24 -17.88 -6.21 0.56
N ILE A 25 -17.53 -4.95 0.34
CA ILE A 25 -16.45 -4.31 1.10
C ILE A 25 -17.01 -3.43 2.20
N PRO A 26 -16.96 -3.90 3.45
CA PRO A 26 -17.49 -3.08 4.54
C PRO A 26 -16.82 -1.73 4.61
N LEU A 27 -17.60 -0.72 5.00
CA LEU A 27 -17.09 0.64 5.09
C LEU A 27 -16.15 0.84 6.28
N LYS A 28 -16.32 0.03 7.32
CA LYS A 28 -15.48 0.11 8.52
C LYS A 28 -14.07 -0.40 8.23
N HIS A 29 -13.90 -1.01 7.05
CA HIS A 29 -12.61 -1.53 6.63
C HIS A 29 -11.90 -0.54 5.73
N ILE A 30 -12.65 0.09 4.85
CA ILE A 30 -12.04 1.05 3.98
C ILE A 30 -11.49 2.19 4.82
N ARG A 31 -12.23 2.59 5.84
CA ARG A 31 -11.77 3.69 6.67
C ARG A 31 -10.52 3.34 7.45
N GLN A 32 -10.05 2.10 7.36
CA GLN A 32 -8.84 1.68 8.06
C GLN A 32 -7.63 1.80 7.14
N ILE A 33 -7.88 2.20 5.90
CA ILE A 33 -6.77 2.38 4.97
C ILE A 33 -6.05 3.62 5.46
N PRO A 34 -4.72 3.53 5.57
CA PRO A 34 -3.95 4.68 6.04
C PRO A 34 -3.96 5.84 5.04
N GLY A 35 -4.46 6.99 5.49
CA GLY A 35 -4.49 8.14 4.62
C GLY A 35 -5.83 8.51 3.99
N ILE A 36 -6.70 7.52 3.79
CA ILE A 36 -8.00 7.81 3.16
C ILE A 36 -8.65 9.03 3.78
N THR A 37 -9.17 9.89 2.93
CA THR A 37 -9.83 11.08 3.45
C THR A 37 -11.32 10.94 3.16
N GLY A 38 -11.68 10.08 2.22
CA GLY A 38 -13.09 9.91 1.91
C GLY A 38 -13.34 8.88 0.83
N VAL A 39 -14.57 8.77 0.35
CA VAL A 39 -14.87 7.81 -0.70
C VAL A 39 -15.67 8.47 -1.80
N VAL A 40 -15.84 7.73 -2.90
CA VAL A 40 -16.60 8.20 -4.04
C VAL A 40 -17.67 7.16 -4.32
N GLY A 41 -18.90 7.50 -3.98
CA GLY A 41 -20.01 6.56 -4.16
C GLY A 41 -20.87 6.74 -5.38
N THR A 42 -21.90 5.90 -5.46
CA THR A 42 -22.84 5.91 -6.57
C THR A 42 -24.03 4.97 -6.37
N LEU A 43 -25.24 5.55 -6.34
CA LEU A 43 -26.48 4.81 -6.19
C LEU A 43 -26.64 3.85 -7.36
N LEU A 44 -26.29 2.58 -7.13
CA LEU A 44 -26.38 1.55 -8.15
C LEU A 44 -27.83 1.15 -8.49
N ASN A 45 -28.76 1.64 -7.67
CA ASN A 45 -30.18 1.38 -7.85
C ASN A 45 -30.72 2.11 -9.08
N LYS A 46 -30.63 3.43 -9.06
CA LYS A 46 -31.11 4.27 -10.15
C LYS A 46 -30.54 3.86 -11.50
N LEU A 47 -31.34 4.06 -12.54
CA LEU A 47 -30.91 3.73 -13.89
C LEU A 47 -30.71 5.01 -14.70
N PRO A 48 -30.02 4.90 -15.86
CA PRO A 48 -29.75 6.03 -16.75
C PRO A 48 -30.94 6.91 -16.95
N GLY A 49 -30.84 8.16 -16.53
CA GLY A 49 -31.94 9.08 -16.72
C GLY A 49 -32.75 9.40 -15.48
N ASP A 50 -32.72 8.52 -14.48
CA ASP A 50 -33.47 8.76 -13.26
C ASP A 50 -33.02 10.01 -12.53
N VAL A 51 -33.84 10.44 -11.59
CA VAL A 51 -33.54 11.62 -10.82
C VAL A 51 -33.15 11.22 -9.42
N TRP A 52 -32.00 11.71 -8.96
CA TRP A 52 -31.52 11.38 -7.62
C TRP A 52 -32.19 12.29 -6.59
N THR A 53 -32.99 11.68 -5.71
CA THR A 53 -33.71 12.42 -4.68
C THR A 53 -32.86 12.75 -3.46
N VAL A 54 -32.98 13.98 -2.97
CA VAL A 54 -32.20 14.40 -1.80
C VAL A 54 -32.23 13.34 -0.71
N ALA A 55 -33.34 12.64 -0.60
CA ALA A 55 -33.46 11.60 0.41
C ALA A 55 -32.38 10.53 0.21
N GLU A 56 -32.25 10.01 -1.02
CA GLU A 56 -31.27 8.98 -1.35
C GLU A 56 -29.83 9.48 -1.20
N ILE A 57 -29.59 10.69 -1.70
CA ILE A 57 -28.27 11.31 -1.61
C ILE A 57 -27.91 11.50 -0.14
N GLN A 58 -28.85 12.01 0.64
CA GLN A 58 -28.60 12.22 2.06
C GLN A 58 -28.30 10.88 2.72
N ALA A 59 -29.01 9.84 2.32
CA ALA A 59 -28.80 8.51 2.89
C ALA A 59 -27.36 8.07 2.67
N LEU A 60 -26.95 8.09 1.40
CA LEU A 60 -25.61 7.69 1.01
C LEU A 60 -24.59 8.47 1.79
N LYS A 61 -24.66 9.79 1.69
CA LYS A 61 -23.72 10.67 2.38
C LYS A 61 -23.63 10.32 3.85
N GLN A 62 -24.77 10.02 4.45
CA GLN A 62 -24.79 9.69 5.87
C GLN A 62 -24.04 8.39 6.16
N SER A 63 -24.46 7.30 5.52
CA SER A 63 -23.80 6.03 5.75
C SER A 63 -22.29 6.18 5.63
N VAL A 64 -21.85 7.15 4.84
CA VAL A 64 -20.44 7.38 4.66
C VAL A 64 -19.85 8.11 5.84
N GLU A 65 -20.46 9.23 6.21
CA GLU A 65 -19.95 10.01 7.33
C GLU A 65 -20.05 9.30 8.68
N GLN A 66 -20.87 8.25 8.74
CA GLN A 66 -21.04 7.45 9.96
C GLN A 66 -19.69 6.85 10.32
N GLU A 67 -19.00 6.28 9.34
CA GLU A 67 -17.69 5.68 9.54
C GLU A 67 -16.59 6.74 9.46
N GLY A 68 -16.95 7.98 9.74
CA GLY A 68 -15.98 9.07 9.71
C GLY A 68 -15.26 9.27 8.40
N LEU A 69 -15.96 9.01 7.29
CA LEU A 69 -15.39 9.18 5.96
C LEU A 69 -16.19 10.25 5.26
N ALA A 70 -15.52 11.07 4.46
CA ALA A 70 -16.22 12.13 3.74
C ALA A 70 -16.64 11.62 2.35
N LEU A 71 -17.78 12.09 1.86
CA LEU A 71 -18.25 11.69 0.53
C LEU A 71 -17.63 12.67 -0.45
N LEU A 72 -16.47 12.31 -1.01
CA LEU A 72 -15.76 13.18 -1.92
C LEU A 72 -16.49 13.52 -3.21
N GLY A 73 -17.29 12.60 -3.74
CA GLY A 73 -18.02 12.89 -4.96
C GLY A 73 -18.75 11.67 -5.46
N ILE A 74 -19.74 11.85 -6.31
CA ILE A 74 -20.47 10.70 -6.82
C ILE A 74 -19.99 10.45 -8.24
N GLU A 75 -19.95 9.19 -8.62
CA GLU A 75 -19.49 8.84 -9.97
C GLU A 75 -20.65 8.41 -10.85
N SER A 76 -20.62 7.15 -11.27
CA SER A 76 -21.67 6.63 -12.15
C SER A 76 -22.87 7.55 -12.11
N VAL A 77 -23.04 8.34 -13.17
CA VAL A 77 -24.18 9.23 -13.21
C VAL A 77 -25.12 8.76 -14.32
N ALA A 78 -26.30 9.36 -14.37
CA ALA A 78 -27.31 8.97 -15.36
C ALA A 78 -27.19 9.69 -16.71
N ILE A 79 -26.38 9.15 -17.62
CA ILE A 79 -26.24 9.77 -18.94
C ILE A 79 -27.05 9.02 -19.99
N HIS A 80 -28.38 9.19 -19.91
CA HIS A 80 -29.35 8.55 -20.80
C HIS A 80 -28.94 8.58 -22.27
N ASP A 81 -29.16 7.47 -22.96
CA ASP A 81 -28.80 7.36 -24.37
C ASP A 81 -29.45 8.46 -25.20
N ALA A 82 -30.55 9.01 -24.71
CA ALA A 82 -31.24 10.07 -25.44
C ALA A 82 -30.37 11.30 -25.59
N ILE A 83 -29.75 11.75 -24.50
CA ILE A 83 -28.91 12.93 -24.57
C ILE A 83 -27.72 12.66 -25.47
N LYS A 84 -27.18 11.44 -25.38
CA LYS A 84 -26.02 11.05 -26.17
C LYS A 84 -26.34 10.89 -27.66
N ALA A 85 -27.32 10.09 -27.99
CA ALA A 85 -27.67 9.90 -29.39
C ALA A 85 -28.22 11.20 -29.99
N GLY A 86 -28.94 11.97 -29.19
CA GLY A 86 -29.48 13.22 -29.69
C GLY A 86 -30.97 13.17 -29.94
N THR A 87 -31.61 12.12 -29.42
CA THR A 87 -33.05 11.92 -29.57
C THR A 87 -33.81 13.18 -29.13
N ASP A 88 -35.14 13.10 -29.10
CA ASP A 88 -35.95 14.23 -28.71
C ASP A 88 -36.23 14.25 -27.20
N GLN A 89 -36.27 13.06 -26.61
CA GLN A 89 -36.53 12.92 -25.18
C GLN A 89 -35.36 13.45 -24.36
N ARG A 90 -34.28 13.82 -25.05
CA ARG A 90 -33.12 14.35 -24.37
C ARG A 90 -33.43 15.59 -23.55
N ASP A 91 -34.35 16.42 -24.02
CA ASP A 91 -34.71 17.64 -23.29
C ASP A 91 -35.30 17.34 -21.91
N HIS A 92 -36.03 16.24 -21.82
CA HIS A 92 -36.64 15.84 -20.56
C HIS A 92 -35.57 15.25 -19.64
N TYR A 93 -34.65 14.49 -20.22
CA TYR A 93 -33.58 13.88 -19.43
C TYR A 93 -32.54 14.90 -18.99
N ILE A 94 -32.22 15.87 -19.86
CA ILE A 94 -31.26 16.90 -19.47
C ILE A 94 -31.90 17.72 -18.36
N ASP A 95 -33.22 17.69 -18.28
CA ASP A 95 -33.87 18.45 -17.23
C ASP A 95 -33.89 17.62 -15.94
N ASN A 96 -34.09 16.32 -16.06
CA ASN A 96 -34.07 15.47 -14.88
C ASN A 96 -32.65 15.37 -14.35
N TYR A 97 -31.68 15.67 -15.21
CA TYR A 97 -30.27 15.60 -14.83
C TYR A 97 -29.87 16.86 -14.09
N ARG A 98 -30.36 18.00 -14.57
CA ARG A 98 -30.02 19.23 -13.89
C ARG A 98 -30.74 19.24 -12.56
N GLN A 99 -31.86 18.52 -12.48
CA GLN A 99 -32.61 18.46 -11.23
C GLN A 99 -31.81 17.74 -10.15
N THR A 100 -31.31 16.55 -10.45
CA THR A 100 -30.51 15.81 -9.47
C THR A 100 -29.27 16.64 -9.12
N LEU A 101 -28.76 17.37 -10.11
CA LEU A 101 -27.58 18.21 -9.91
C LEU A 101 -27.89 19.21 -8.80
N ARG A 102 -29.14 19.65 -8.74
CA ARG A 102 -29.57 20.58 -7.71
C ARG A 102 -29.64 19.83 -6.39
N ASN A 103 -30.03 18.57 -6.45
CA ASN A 103 -30.13 17.75 -5.26
C ASN A 103 -28.78 17.46 -4.66
N LEU A 104 -27.81 17.15 -5.51
CA LEU A 104 -26.46 16.85 -5.06
C LEU A 104 -25.85 18.08 -4.40
N GLY A 105 -26.14 19.26 -4.95
CA GLY A 105 -25.59 20.49 -4.41
C GLY A 105 -26.22 20.82 -3.08
N LYS A 106 -27.47 20.43 -2.93
CA LYS A 106 -28.22 20.65 -1.72
C LYS A 106 -27.68 19.79 -0.60
N CYS A 107 -27.05 18.68 -0.95
CA CYS A 107 -26.49 17.81 0.06
C CYS A 107 -24.99 18.02 0.27
N GLY A 108 -24.44 19.05 -0.37
CA GLY A 108 -23.03 19.36 -0.21
C GLY A 108 -22.09 18.70 -1.22
N ILE A 109 -22.60 17.75 -1.99
CA ILE A 109 -21.74 17.10 -2.97
C ILE A 109 -21.18 18.13 -3.92
N SER A 110 -19.90 18.01 -4.24
CA SER A 110 -19.28 18.99 -5.13
C SER A 110 -18.59 18.38 -6.35
N LEU A 111 -18.55 17.06 -6.41
CA LEU A 111 -17.89 16.40 -7.53
C LEU A 111 -18.72 15.30 -8.17
N VAL A 112 -18.83 15.37 -9.49
CA VAL A 112 -19.58 14.38 -10.26
C VAL A 112 -18.78 13.88 -11.45
N CYS A 113 -18.59 12.57 -11.51
CA CYS A 113 -17.85 11.95 -12.60
C CYS A 113 -18.86 11.34 -13.56
N TYR A 114 -18.63 11.48 -14.85
CA TYR A 114 -19.56 10.97 -15.85
C TYR A 114 -18.82 10.62 -17.13
N SER A 115 -19.52 9.97 -18.05
CA SER A 115 -18.91 9.58 -19.30
C SER A 115 -19.91 9.62 -20.41
N PHE A 116 -19.44 10.05 -21.58
CA PHE A 116 -20.27 10.16 -22.77
C PHE A 116 -19.93 9.06 -23.76
N LYS A 117 -20.02 7.80 -23.32
CA LYS A 117 -19.73 6.68 -24.22
C LYS A 117 -21.04 6.21 -24.86
N PRO A 118 -20.95 5.70 -26.10
CA PRO A 118 -22.08 5.21 -26.87
C PRO A 118 -22.79 4.01 -26.24
N ILE A 119 -22.57 2.84 -26.81
CA ILE A 119 -23.23 1.64 -26.33
C ILE A 119 -22.47 0.85 -25.28
N PHE A 120 -21.15 0.84 -25.36
CA PHE A 120 -20.35 0.10 -24.40
C PHE A 120 -19.69 0.96 -23.34
N GLY A 121 -20.08 0.76 -22.10
CA GLY A 121 -19.52 1.53 -21.01
C GLY A 121 -18.09 1.11 -20.72
N TRP A 122 -17.75 -0.12 -21.09
CA TRP A 122 -16.40 -0.66 -20.88
C TRP A 122 -16.24 -1.93 -21.74
N ALA A 123 -15.02 -2.22 -22.17
CA ALA A 123 -14.79 -3.40 -22.99
C ALA A 123 -13.55 -4.15 -22.51
N LYS A 124 -13.63 -5.47 -22.52
CA LYS A 124 -12.52 -6.33 -22.11
C LYS A 124 -12.75 -7.72 -22.73
N THR A 125 -11.73 -8.29 -23.36
CA THR A 125 -11.88 -9.61 -23.96
C THR A 125 -11.74 -10.70 -22.89
N ASP A 126 -10.62 -10.70 -22.17
CA ASP A 126 -10.40 -11.70 -21.13
C ASP A 126 -10.54 -11.07 -19.76
N LEU A 127 -11.63 -11.37 -19.06
CA LEU A 127 -11.83 -10.77 -17.74
C LEU A 127 -11.44 -11.68 -16.58
N ALA A 128 -10.37 -12.45 -16.78
CA ALA A 128 -9.84 -13.37 -15.77
C ALA A 128 -8.42 -13.82 -16.12
N TYR A 129 -7.64 -12.91 -16.71
CA TYR A 129 -6.27 -13.18 -17.11
C TYR A 129 -5.37 -13.43 -15.93
N GLU A 130 -4.71 -14.58 -15.92
CA GLU A 130 -3.81 -14.93 -14.84
C GLU A 130 -2.41 -14.42 -15.11
N ASN A 131 -1.76 -13.91 -14.07
CA ASN A 131 -0.42 -13.39 -14.19
C ASN A 131 0.56 -14.37 -13.54
N GLU A 132 1.84 -14.06 -13.64
CA GLU A 132 2.90 -14.90 -13.07
C GLU A 132 2.74 -15.07 -11.55
N ASP A 133 2.43 -13.96 -10.88
CA ASP A 133 2.24 -13.95 -9.43
C ASP A 133 0.98 -14.70 -9.04
N GLY A 134 0.27 -15.19 -10.05
CA GLY A 134 -0.96 -15.93 -9.81
C GLY A 134 -2.16 -15.08 -9.49
N SER A 135 -2.21 -13.86 -10.03
CA SER A 135 -3.36 -12.97 -9.79
C SER A 135 -4.16 -12.80 -11.08
N LEU A 136 -5.45 -12.51 -10.94
CA LEU A 136 -6.31 -12.32 -12.09
C LEU A 136 -6.40 -10.84 -12.45
N SER A 137 -6.52 -10.58 -13.75
CA SER A 137 -6.62 -9.21 -14.24
C SER A 137 -7.53 -9.14 -15.45
N LEU A 138 -7.98 -7.92 -15.77
CA LEU A 138 -8.84 -7.72 -16.94
C LEU A 138 -7.91 -7.40 -18.09
N LEU A 139 -8.12 -8.08 -19.22
CA LEU A 139 -7.30 -7.88 -20.41
C LEU A 139 -8.12 -7.51 -21.64
N PHE A 140 -7.57 -6.66 -22.50
CA PHE A 140 -8.25 -6.22 -23.72
C PHE A 140 -7.35 -6.48 -24.92
N ASP A 141 -7.72 -7.42 -25.78
CA ASP A 141 -6.90 -7.71 -26.94
C ASP A 141 -7.65 -7.31 -28.20
N GLN A 142 -7.12 -6.33 -28.93
CA GLN A 142 -7.75 -5.84 -30.15
C GLN A 142 -7.96 -6.99 -31.17
N ALA A 143 -7.05 -7.95 -31.17
CA ALA A 143 -7.14 -9.09 -32.08
C ALA A 143 -8.45 -9.84 -31.86
N VAL A 144 -8.83 -9.99 -30.59
CA VAL A 144 -10.06 -10.70 -30.27
C VAL A 144 -11.29 -9.83 -30.60
N VAL A 145 -11.20 -8.53 -30.34
CA VAL A 145 -12.32 -7.66 -30.61
C VAL A 145 -12.72 -7.68 -32.09
N GLU A 146 -11.75 -7.91 -32.96
CA GLU A 146 -11.98 -7.95 -34.40
C GLU A 146 -12.84 -9.16 -34.79
N ASN A 147 -12.35 -10.35 -34.46
CA ASN A 147 -13.06 -11.57 -34.80
C ASN A 147 -14.31 -11.85 -33.98
N GLN A 149 -18.30 -10.53 -32.77
CA GLN A 149 -19.45 -9.69 -33.10
C GLN A 149 -19.77 -8.69 -32.00
N PRO A 150 -20.21 -7.49 -32.38
CA PRO A 150 -20.57 -6.40 -31.48
C PRO A 150 -21.50 -6.84 -30.37
N GLU A 151 -22.44 -7.72 -30.70
CA GLU A 151 -23.37 -8.20 -29.70
C GLU A 151 -22.71 -9.10 -28.67
N ASP A 152 -21.69 -9.84 -29.08
CA ASP A 152 -21.00 -10.73 -28.13
C ASP A 152 -20.37 -9.96 -26.99
N TYR A 154 -21.51 -7.17 -25.92
CA TYR A 154 -22.62 -6.73 -25.09
C TYR A 154 -22.93 -7.84 -24.10
N GLN A 155 -23.16 -9.04 -24.63
CA GLN A 155 -23.48 -10.20 -23.80
C GLN A 155 -22.43 -10.32 -22.69
N LEU A 156 -21.17 -10.18 -23.09
CA LEU A 156 -20.06 -10.30 -22.16
C LEU A 156 -20.04 -9.29 -21.02
N ILE A 157 -20.10 -8.00 -21.34
CA ILE A 157 -20.06 -6.96 -20.32
C ILE A 157 -21.39 -6.80 -19.62
N HIS A 158 -22.27 -7.78 -19.79
CA HIS A 158 -23.57 -7.73 -19.14
C HIS A 158 -23.90 -9.07 -18.50
N SER A 159 -22.90 -9.64 -17.82
CA SER A 159 -23.04 -10.92 -17.13
C SER A 159 -22.47 -10.85 -15.71
N TRP A 169 -26.68 -16.62 -22.78
CA TRP A 169 -27.12 -15.92 -23.98
C TRP A 169 -28.62 -15.65 -24.01
N GLU A 170 -28.96 -14.38 -23.82
CA GLU A 170 -30.35 -13.95 -23.83
C GLU A 170 -30.72 -13.39 -25.21
N GLU A 171 -31.89 -13.78 -25.70
CA GLU A 171 -32.38 -13.31 -26.99
C GLU A 171 -32.91 -11.90 -26.73
N GLU A 172 -33.26 -11.62 -25.48
CA GLU A 172 -33.77 -10.32 -25.09
C GLU A 172 -32.66 -9.27 -25.22
N ARG A 173 -31.49 -9.56 -24.65
CA ARG A 173 -30.34 -8.66 -24.72
C ARG A 173 -29.96 -8.38 -26.16
N LEU A 174 -30.18 -9.38 -27.02
CA LEU A 174 -29.85 -9.21 -28.42
C LEU A 174 -30.63 -8.01 -28.97
N GLN A 175 -31.95 -8.10 -28.84
CA GLN A 175 -32.79 -7.02 -29.30
C GLN A 175 -32.34 -5.72 -28.62
N GLN A 176 -32.08 -5.81 -27.32
CA GLN A 176 -31.66 -4.65 -26.54
C GLN A 176 -30.48 -3.95 -27.18
N PHE A 177 -29.49 -4.74 -27.59
CA PHE A 177 -28.31 -4.19 -28.25
C PHE A 177 -28.68 -3.75 -29.67
N GLN A 178 -29.41 -4.61 -30.37
CA GLN A 178 -29.85 -4.33 -31.73
C GLN A 178 -30.54 -2.97 -31.78
N GLU A 179 -31.30 -2.65 -30.72
CA GLU A 179 -32.01 -1.38 -30.64
C GLU A 179 -31.01 -0.25 -30.57
N LEU A 180 -30.14 -0.29 -29.57
CA LEU A 180 -29.13 0.73 -29.39
C LEU A 180 -28.42 0.96 -30.70
N LYS A 181 -27.91 -0.12 -31.28
CA LYS A 181 -27.21 -0.02 -32.55
C LYS A 181 -27.96 0.88 -33.51
N ALA A 182 -29.27 0.71 -33.59
CA ALA A 182 -30.08 1.51 -34.49
C ALA A 182 -30.30 2.92 -33.94
N TYR A 184 -28.02 4.74 -32.35
CA TYR A 184 -26.82 5.52 -32.65
C TYR A 184 -26.35 5.32 -34.07
N ALA A 185 -27.16 4.63 -34.86
CA ALA A 185 -26.82 4.38 -36.25
C ALA A 185 -26.81 5.73 -36.96
N GLY A 186 -25.68 6.10 -37.56
CA GLY A 186 -25.61 7.36 -38.26
C GLY A 186 -24.93 8.49 -37.50
N VAL A 187 -24.66 8.27 -36.21
CA VAL A 187 -24.00 9.27 -35.36
C VAL A 187 -22.48 9.18 -35.53
N THR A 188 -21.82 10.33 -35.65
CA THR A 188 -20.37 10.39 -35.83
C THR A 188 -19.65 11.11 -34.71
N GLU A 189 -18.32 11.15 -34.77
CA GLU A 189 -17.60 11.83 -33.72
C GLU A 189 -18.11 13.23 -33.49
N GLU A 190 -17.96 14.10 -34.50
CA GLU A 190 -18.41 15.48 -34.34
C GLU A 190 -19.91 15.53 -34.04
N ASP A 191 -20.64 14.54 -34.55
CA ASP A 191 -22.09 14.41 -34.32
C ASP A 191 -22.32 14.21 -32.81
N LEU A 192 -21.47 13.37 -32.22
CA LEU A 192 -21.51 13.04 -30.82
C LEU A 192 -21.00 14.22 -29.98
N VAL A 193 -20.04 14.96 -30.54
CA VAL A 193 -19.45 16.11 -29.86
C VAL A 193 -20.54 17.17 -29.61
N GLU A 194 -21.47 17.30 -30.56
CA GLU A 194 -22.55 18.25 -30.41
C GLU A 194 -23.54 17.79 -29.34
N ASN A 195 -23.85 16.50 -29.35
CA ASN A 195 -24.75 15.98 -28.35
C ASN A 195 -24.18 16.30 -26.97
N LEU A 196 -22.86 16.16 -26.79
CA LEU A 196 -22.29 16.47 -25.49
C LEU A 196 -22.32 17.98 -25.29
N ARG A 197 -22.12 18.73 -26.36
CA ARG A 197 -22.18 20.19 -26.31
C ARG A 197 -23.55 20.57 -25.78
N TYR A 198 -24.58 20.10 -26.49
CA TYR A 198 -25.96 20.40 -26.12
C TYR A 198 -26.10 20.22 -24.62
N PHE A 199 -25.89 18.99 -24.19
CA PHE A 199 -25.98 18.62 -22.79
C PHE A 199 -25.14 19.51 -21.87
N LEU A 200 -23.88 19.74 -22.25
CA LEU A 200 -22.95 20.56 -21.47
C LEU A 200 -23.39 22.00 -21.32
N GLU A 201 -24.14 22.51 -22.28
CA GLU A 201 -24.62 23.88 -22.24
C GLU A 201 -25.78 24.05 -21.27
N ARG A 202 -26.42 22.95 -20.88
CA ARG A 202 -27.56 23.03 -19.99
C ARG A 202 -27.28 22.38 -18.65
N VAL A 203 -26.07 21.88 -18.46
CA VAL A 203 -25.75 21.24 -17.21
C VAL A 203 -24.65 22.02 -16.49
N ILE A 204 -23.79 22.66 -17.28
CA ILE A 204 -22.70 23.42 -16.75
C ILE A 204 -23.17 24.66 -15.98
N PRO A 205 -24.18 25.38 -16.50
CA PRO A 205 -24.65 26.56 -15.78
C PRO A 205 -25.26 26.19 -14.44
N VAL A 206 -25.88 25.02 -14.40
CA VAL A 206 -26.51 24.53 -13.19
C VAL A 206 -25.41 24.09 -12.20
N CYS A 207 -24.29 23.63 -12.75
CA CYS A 207 -23.19 23.19 -11.90
C CYS A 207 -22.53 24.35 -11.19
N GLU A 208 -22.38 25.46 -11.90
CA GLU A 208 -21.78 26.64 -11.33
C GLU A 208 -22.69 27.19 -10.25
N GLU A 209 -23.99 27.14 -10.49
CA GLU A 209 -24.95 27.63 -9.49
C GLU A 209 -25.00 26.74 -8.24
N GLU A 210 -24.98 25.43 -8.43
CA GLU A 210 -25.01 24.48 -7.33
C GLU A 210 -23.64 24.29 -6.70
N ASN A 211 -22.64 24.90 -7.32
CA ASN A 211 -21.27 24.83 -6.85
C ASN A 211 -20.74 23.40 -6.96
N ILE A 212 -20.72 22.90 -8.19
CA ILE A 212 -20.28 21.55 -8.48
C ILE A 212 -19.37 21.53 -9.74
N LYS A 213 -18.44 20.58 -9.78
CA LYS A 213 -17.52 20.43 -10.92
C LYS A 213 -17.73 19.05 -11.53
N GLY A 215 -16.34 15.87 -14.33
CA GLY A 215 -15.12 15.35 -14.91
C GLY A 215 -15.48 14.23 -15.85
N ILE A 216 -15.32 14.48 -17.15
CA ILE A 216 -15.64 13.50 -18.19
C ILE A 216 -14.61 12.36 -18.12
N HIS A 217 -15.08 11.12 -18.25
CA HIS A 217 -14.19 9.95 -18.20
C HIS A 217 -13.70 9.55 -19.60
N PRO A 218 -12.37 9.29 -19.74
CA PRO A 218 -11.81 8.90 -21.04
C PRO A 218 -12.21 7.47 -21.32
N ASP A 219 -12.36 7.14 -22.59
CA ASP A 219 -12.76 5.80 -22.99
C ASP A 219 -11.66 4.79 -22.64
N ASP A 220 -12.01 3.50 -22.63
CA ASP A 220 -11.07 2.43 -22.31
C ASP A 220 -11.45 1.17 -23.08
N PRO A 221 -10.65 0.77 -24.09
CA PRO A 221 -9.42 1.42 -24.56
C PRO A 221 -9.80 2.73 -25.22
N PRO A 222 -8.91 3.71 -25.16
CA PRO A 222 -9.08 5.05 -25.72
C PRO A 222 -9.04 5.06 -27.23
N TRP A 223 -9.77 4.13 -27.83
CA TRP A 223 -9.86 4.06 -29.27
C TRP A 223 -11.14 3.40 -29.69
N GLU A 224 -11.46 3.51 -30.97
CA GLU A 224 -12.68 2.96 -31.54
C GLU A 224 -12.81 1.44 -31.52
N ILE A 225 -14.03 0.98 -31.25
CA ILE A 225 -14.31 -0.45 -31.24
C ILE A 225 -15.69 -0.68 -31.80
N PHE A 226 -15.74 -1.60 -32.76
CA PHE A 226 -16.95 -1.97 -33.46
C PHE A 226 -17.48 -0.81 -34.30
N GLY A 227 -16.59 0.05 -34.77
CA GLY A 227 -17.01 1.16 -35.61
C GLY A 227 -17.66 2.32 -34.86
N LEU A 228 -18.27 2.03 -33.71
CA LEU A 228 -18.91 3.05 -32.89
C LEU A 228 -17.98 4.23 -32.58
N PRO A 229 -18.45 5.47 -32.83
CA PRO A 229 -17.66 6.69 -32.58
C PRO A 229 -17.31 6.86 -31.10
N ARG A 230 -16.20 7.55 -30.85
CA ARG A 230 -15.74 7.83 -29.48
C ARG A 230 -14.88 9.07 -29.47
N ILE A 231 -15.26 10.02 -28.63
CA ILE A 231 -14.56 11.27 -28.55
C ILE A 231 -13.49 11.32 -27.46
N THR A 232 -13.92 11.24 -26.22
CA THR A 232 -13.00 11.30 -25.11
C THR A 232 -11.90 10.23 -25.10
N LYS A 233 -10.99 10.29 -26.06
CA LYS A 233 -9.91 9.29 -26.17
C LYS A 233 -8.45 9.81 -26.08
N ASN A 234 -8.13 10.82 -26.89
CA ASN A 234 -6.78 11.40 -26.89
C ASN A 234 -6.80 12.89 -26.55
N LEU A 235 -5.61 13.47 -26.41
CA LEU A 235 -5.45 14.89 -26.06
C LEU A 235 -6.18 15.82 -27.00
N ALA A 236 -6.04 15.58 -28.30
CA ALA A 236 -6.71 16.40 -29.28
C ALA A 236 -8.14 16.66 -28.83
N ASP A 237 -8.93 15.59 -28.70
CA ASP A 237 -10.34 15.71 -28.28
C ASP A 237 -10.56 16.28 -26.89
N LEU A 238 -9.71 15.86 -25.95
CA LEU A 238 -9.81 16.33 -24.57
C LEU A 238 -9.96 17.85 -24.53
N LYS A 239 -9.17 18.52 -25.37
CA LYS A 239 -9.22 19.96 -25.47
C LYS A 239 -10.54 20.37 -26.08
N ARG A 240 -10.97 19.62 -27.09
CA ARG A 240 -12.24 19.93 -27.72
C ARG A 240 -13.36 19.83 -26.70
N ILE A 241 -13.19 19.01 -25.66
CA ILE A 241 -14.24 18.91 -24.66
C ILE A 241 -14.34 20.23 -23.93
N LEU A 242 -13.22 20.65 -23.37
CA LEU A 242 -13.16 21.89 -22.61
C LEU A 242 -13.64 23.05 -23.46
N SER A 243 -13.36 22.94 -24.75
CA SER A 243 -13.71 23.93 -25.76
C SER A 243 -15.23 24.14 -25.83
N LEU A 244 -15.98 23.05 -25.79
CA LEU A 244 -17.43 23.15 -25.85
C LEU A 244 -17.98 24.21 -24.90
N VAL A 245 -17.51 24.18 -23.66
CA VAL A 245 -17.91 25.14 -22.61
C VAL A 245 -16.72 25.44 -21.70
N ASP A 246 -16.06 26.55 -22.00
CA ASP A 246 -14.89 27.01 -21.26
C ASP A 246 -15.27 27.42 -19.84
N SER A 247 -15.19 26.48 -18.91
CA SER A 247 -15.52 26.74 -17.51
C SER A 247 -14.93 25.66 -16.63
N PRO A 248 -14.49 26.01 -15.41
CA PRO A 248 -13.92 25.02 -14.50
C PRO A 248 -14.86 23.84 -14.25
N ALA A 249 -16.17 24.11 -14.15
CA ALA A 249 -17.14 23.05 -13.92
C ALA A 249 -17.01 22.02 -15.04
N ASN A 250 -16.70 22.47 -16.26
CA ASN A 250 -16.51 21.56 -17.39
C ASN A 250 -15.12 20.98 -17.31
N GLY A 251 -14.97 19.94 -16.48
CA GLY A 251 -13.67 19.30 -16.30
C GLY A 251 -13.45 17.92 -16.90
N ILE A 252 -12.28 17.36 -16.64
CA ILE A 252 -11.99 16.05 -17.19
C ILE A 252 -11.29 15.08 -16.26
N THR A 253 -12.03 14.10 -15.74
CA THR A 253 -11.46 13.11 -14.85
C THR A 253 -10.35 12.30 -15.53
N PHE A 254 -9.11 12.61 -15.16
CA PHE A 254 -7.93 11.98 -15.73
C PHE A 254 -7.68 10.56 -15.20
N CYS A 255 -7.98 9.58 -16.08
CA CYS A 255 -7.79 8.16 -15.77
C CYS A 255 -6.53 7.82 -16.53
N THR A 256 -5.42 7.76 -15.80
CA THR A 256 -4.13 7.47 -16.40
C THR A 256 -4.03 6.08 -16.99
N GLY A 257 -4.97 5.23 -16.61
CA GLY A 257 -4.97 3.85 -17.10
C GLY A 257 -5.48 3.75 -18.52
N SER A 258 -6.65 4.31 -18.78
CA SER A 258 -7.22 4.27 -20.11
C SER A 258 -6.31 5.02 -21.06
N LEU A 259 -6.15 6.31 -20.82
CA LEU A 259 -5.29 7.15 -21.63
C LEU A 259 -3.94 6.49 -21.83
N GLY A 260 -3.57 5.64 -20.88
CA GLY A 260 -2.29 4.97 -20.95
C GLY A 260 -2.22 3.82 -21.93
N ALA A 261 -3.34 3.14 -22.16
CA ALA A 261 -3.37 1.99 -23.08
C ALA A 261 -2.79 2.33 -24.46
N ASP A 262 -3.03 3.54 -24.95
CA ASP A 262 -2.49 4.00 -26.25
C ASP A 262 -1.14 4.63 -25.90
N PRO A 263 -0.04 3.99 -26.33
CA PRO A 263 1.30 4.53 -26.04
C PRO A 263 1.58 5.87 -26.74
N THR A 264 0.69 6.30 -27.61
CA THR A 264 0.88 7.56 -28.32
C THR A 264 0.55 8.75 -27.42
N ASN A 265 -0.34 8.55 -26.46
CA ASN A 265 -0.74 9.61 -25.53
C ASN A 265 0.39 9.95 -24.55
N ASP A 266 0.89 11.17 -24.63
CA ASP A 266 1.96 11.63 -23.74
C ASP A 266 1.37 12.02 -22.39
N LEU A 267 0.92 11.02 -21.64
CA LEU A 267 0.30 11.29 -20.34
C LEU A 267 0.75 12.53 -19.62
N PRO A 268 2.04 12.61 -19.24
CA PRO A 268 2.56 13.77 -18.53
C PRO A 268 2.36 15.10 -19.25
N THR A 269 2.62 15.14 -20.56
CA THR A 269 2.46 16.39 -21.30
C THR A 269 1.02 16.91 -21.27
N ILE A 271 -1.20 16.31 -19.08
CA ILE A 271 -1.55 16.71 -17.73
C ILE A 271 -1.12 18.16 -17.56
N ARG A 272 0.01 18.52 -18.17
CA ARG A 272 0.53 19.90 -18.08
C ARG A 272 -0.25 20.89 -18.96
N GLU A 273 -0.96 20.34 -19.96
CA GLU A 273 -1.75 21.12 -20.88
C GLU A 273 -3.19 21.33 -20.36
N ILE A 274 -3.99 20.27 -20.28
CA ILE A 274 -5.36 20.40 -19.80
C ILE A 274 -5.47 20.16 -18.31
N GLY A 275 -4.33 20.10 -17.66
CA GLY A 275 -4.26 19.86 -16.22
C GLY A 275 -5.01 20.85 -15.35
N HIS A 276 -5.05 22.10 -15.77
CA HIS A 276 -5.73 23.11 -15.00
C HIS A 276 -7.23 22.82 -14.94
N ARG A 277 -7.70 21.91 -15.79
CA ARG A 277 -9.14 21.60 -15.81
C ARG A 277 -9.53 20.19 -15.34
N ILE A 278 -8.57 19.48 -14.76
CA ILE A 278 -8.80 18.15 -14.24
C ILE A 278 -9.50 18.30 -12.88
N ASN A 279 -10.66 17.67 -12.74
CA ASN A 279 -11.40 17.78 -11.50
C ASN A 279 -11.43 16.48 -10.71
N PHE A 280 -10.90 15.42 -11.30
CA PHE A 280 -10.89 14.11 -10.67
C PHE A 280 -9.81 13.29 -11.38
N VAL A 281 -9.13 12.41 -10.64
CA VAL A 281 -8.08 11.55 -11.20
C VAL A 281 -8.08 10.12 -10.61
N HIS A 282 -7.93 9.15 -11.51
CA HIS A 282 -7.89 7.74 -11.16
C HIS A 282 -6.48 7.34 -11.53
N PHE A 283 -5.66 7.20 -10.50
CA PHE A 283 -4.25 6.84 -10.65
C PHE A 283 -4.18 5.33 -10.81
N ARG A 284 -4.29 4.88 -12.05
CA ARG A 284 -4.27 3.45 -12.39
C ARG A 284 -3.07 3.20 -13.28
N ASN A 285 -2.59 1.96 -13.30
CA ASN A 285 -1.43 1.60 -14.13
C ASN A 285 -1.77 0.46 -15.09
N VAL A 286 -1.19 0.49 -16.28
CA VAL A 286 -1.46 -0.54 -17.26
C VAL A 286 -0.20 -1.20 -17.77
N LYS A 287 -0.25 -2.51 -17.99
CA LYS A 287 0.90 -3.26 -18.50
C LYS A 287 0.67 -3.73 -19.95
N TYR A 288 1.41 -3.16 -20.88
CA TYR A 288 1.27 -3.57 -22.28
C TYR A 288 1.57 -5.06 -22.43
N LEU A 289 0.89 -5.73 -23.37
CA LEU A 289 1.11 -7.15 -23.59
C LEU A 289 1.05 -7.52 -25.06
N GLY A 290 1.35 -6.57 -25.92
CA GLY A 290 1.31 -6.81 -27.35
C GLY A 290 1.00 -5.52 -28.05
N GLU A 291 0.55 -5.60 -29.30
CA GLU A 291 0.24 -4.39 -30.07
C GLU A 291 -0.83 -3.57 -29.38
N HIS A 292 -2.09 -3.90 -29.63
CA HIS A 292 -3.17 -3.18 -29.01
C HIS A 292 -3.79 -4.04 -27.92
N ARG A 293 -2.95 -4.78 -27.20
CA ARG A 293 -3.48 -5.61 -26.12
C ARG A 293 -2.74 -5.36 -24.83
N PHE A 294 -3.49 -4.95 -23.84
CA PHE A 294 -2.93 -4.68 -22.54
C PHE A 294 -3.78 -5.38 -21.49
N GLU A 295 -3.39 -5.19 -20.24
CA GLU A 295 -4.05 -5.73 -19.05
C GLU A 295 -3.90 -4.75 -17.88
N GLU A 296 -4.62 -5.02 -16.79
CA GLU A 296 -4.50 -4.16 -15.62
C GLU A 296 -3.53 -4.87 -14.70
N THR A 297 -2.82 -4.11 -13.88
CA THR A 297 -1.86 -4.69 -12.94
C THR A 297 -1.77 -3.83 -11.70
N ALA A 298 -0.83 -4.18 -10.83
CA ALA A 298 -0.62 -3.43 -9.59
C ALA A 298 -0.27 -1.98 -9.93
N HIS A 299 -0.60 -1.09 -9.01
CA HIS A 299 -0.37 0.32 -9.25
C HIS A 299 1.09 0.76 -9.49
N PRO A 300 2.03 0.26 -8.67
CA PRO A 300 3.47 0.59 -8.79
C PRO A 300 4.17 0.31 -10.16
N SER A 301 4.81 1.35 -10.70
CA SER A 301 5.50 1.29 -11.99
C SER A 301 6.19 -0.04 -12.28
N VAL A 302 6.84 -0.62 -11.27
CA VAL A 302 7.51 -1.89 -11.48
C VAL A 302 6.55 -2.97 -12.00
N ALA A 303 5.24 -2.82 -11.76
CA ALA A 303 4.30 -3.84 -12.22
C ALA A 303 3.50 -3.42 -13.43
N GLY A 304 3.94 -2.36 -14.07
CA GLY A 304 3.24 -1.88 -15.24
C GLY A 304 4.15 -1.28 -16.30
N SER A 305 3.56 -0.44 -17.13
CA SER A 305 4.31 0.16 -18.20
C SER A 305 4.27 1.66 -18.16
N LEU A 306 3.57 2.22 -17.20
CA LEU A 306 3.51 3.67 -17.11
C LEU A 306 4.39 4.08 -15.96
N ASP A 307 5.06 5.22 -16.10
CA ASP A 307 5.93 5.73 -15.06
C ASP A 307 5.09 6.54 -14.08
N ALA A 309 5.79 7.53 -11.08
CA ALA A 309 6.62 8.53 -10.41
C ALA A 309 6.54 9.80 -11.21
N GLU A 310 6.72 9.67 -12.51
CA GLU A 310 6.68 10.79 -13.43
C GLU A 310 5.28 11.39 -13.50
N LEU A 311 4.25 10.55 -13.49
CA LEU A 311 2.89 11.05 -13.58
C LEU A 311 2.51 11.85 -12.35
N GLN A 313 4.48 13.45 -10.51
CA GLN A 313 5.25 14.68 -10.66
C GLN A 313 4.43 15.72 -11.42
N ALA A 314 4.09 15.39 -12.67
CA ALA A 314 3.32 16.27 -13.52
C ALA A 314 2.09 16.83 -12.80
N LEU A 315 1.47 16.01 -11.95
CA LEU A 315 0.29 16.47 -11.20
C LEU A 315 0.64 17.54 -10.17
N VAL A 316 1.86 17.47 -9.65
CA VAL A 316 2.29 18.46 -8.68
C VAL A 316 2.66 19.78 -9.34
N ASP A 317 3.22 19.70 -10.54
CA ASP A 317 3.63 20.88 -11.29
C ASP A 317 2.42 21.76 -11.59
N VAL A 318 1.30 21.10 -11.89
CA VAL A 318 0.07 21.80 -12.17
C VAL A 318 -0.57 22.26 -10.86
N GLY A 319 -0.23 21.58 -9.77
CA GLY A 319 -0.79 21.94 -8.49
C GLY A 319 -2.12 21.30 -8.18
N TYR A 320 -2.37 20.12 -8.73
CA TYR A 320 -3.61 19.39 -8.50
C TYR A 320 -3.75 18.84 -7.10
N GLU A 321 -4.60 19.44 -6.29
CA GLU A 321 -4.76 18.96 -4.92
C GLU A 321 -6.18 18.49 -4.63
N GLY A 322 -6.87 18.08 -5.70
CA GLY A 322 -8.24 17.60 -5.60
C GLY A 322 -8.37 16.16 -5.17
N VAL A 323 -9.54 15.59 -5.41
CA VAL A 323 -9.79 14.21 -5.05
C VAL A 323 -9.08 13.24 -5.98
N ILE A 324 -8.48 12.20 -5.39
CA ILE A 324 -7.76 11.21 -6.17
C ILE A 324 -7.98 9.81 -5.61
N ARG A 325 -8.23 8.84 -6.49
CA ARG A 325 -8.47 7.46 -6.03
C ARG A 325 -7.82 6.43 -6.92
N PRO A 326 -7.27 5.37 -6.30
CA PRO A 326 -6.62 4.30 -7.06
C PRO A 326 -7.72 3.57 -7.79
N ASP A 327 -7.43 3.11 -8.99
CA ASP A 327 -8.52 2.43 -9.62
C ASP A 327 -8.30 0.94 -9.63
N HIS A 328 -8.90 0.30 -10.62
CA HIS A 328 -8.80 -1.13 -10.79
C HIS A 328 -7.36 -1.59 -10.50
N GLY A 329 -7.28 -2.78 -9.91
CA GLY A 329 -6.00 -3.37 -9.60
C GLY A 329 -6.02 -4.79 -10.10
N ARG A 330 -6.03 -5.75 -9.18
CA ARG A 330 -6.04 -7.16 -9.56
C ARG A 330 -6.81 -8.03 -8.58
N ALA A 331 -7.03 -9.29 -8.95
CA ALA A 331 -7.71 -10.17 -8.01
C ALA A 331 -6.54 -10.81 -7.31
N ILE A 332 -6.38 -10.54 -6.03
CA ILE A 332 -5.25 -11.14 -5.34
C ILE A 332 -5.70 -11.86 -4.11
N TRP A 333 -4.74 -12.55 -3.50
CA TRP A 333 -4.98 -13.27 -2.28
C TRP A 333 -6.28 -14.05 -2.31
N ASP A 334 -6.54 -14.76 -3.39
CA ASP A 334 -7.75 -15.55 -3.46
C ASP A 334 -8.98 -14.76 -3.02
N GLU A 335 -9.08 -13.51 -3.44
CA GLU A 335 -10.24 -12.72 -3.09
C GLU A 335 -11.31 -13.11 -4.08
N LYS A 336 -12.53 -13.31 -3.58
CA LYS A 336 -13.65 -13.69 -4.42
C LYS A 336 -14.06 -12.58 -5.39
N ALA A 337 -14.03 -11.33 -4.93
CA ALA A 337 -14.42 -10.22 -5.79
C ALA A 337 -13.78 -10.32 -7.16
N PRO A 339 -11.67 -9.25 -10.30
CA PRO A 339 -10.47 -8.41 -10.33
C PRO A 339 -10.81 -6.95 -10.60
N GLY A 340 -10.23 -6.08 -9.78
CA GLY A 340 -10.46 -4.65 -9.93
C GLY A 340 -11.44 -4.06 -8.94
N TYR A 341 -12.44 -4.85 -8.59
CA TYR A 341 -13.50 -4.43 -7.68
C TYR A 341 -13.25 -4.81 -6.20
N GLY A 342 -12.12 -5.48 -5.93
CA GLY A 342 -11.79 -5.89 -4.58
C GLY A 342 -11.24 -4.80 -3.67
N LEU A 343 -10.98 -5.15 -2.42
CA LEU A 343 -10.49 -4.17 -1.44
C LEU A 343 -8.97 -4.04 -1.40
N TYR A 344 -8.33 -5.20 -1.41
CA TYR A 344 -6.90 -5.36 -1.33
C TYR A 344 -5.99 -4.62 -2.29
N ASP A 345 -5.90 -5.15 -3.49
CA ASP A 345 -4.99 -4.53 -4.43
C ASP A 345 -5.27 -3.05 -4.67
N ARG A 346 -6.48 -2.60 -4.33
CA ARG A 346 -6.84 -1.20 -4.51
C ARG A 346 -6.28 -0.32 -3.39
N ALA A 347 -6.19 -0.87 -2.20
CA ALA A 347 -5.67 -0.12 -1.06
C ALA A 347 -4.16 -0.12 -1.15
N GLY A 349 -2.56 0.24 -3.36
CA GLY A 349 -2.13 1.30 -4.24
C GLY A 349 -2.41 2.65 -3.65
N LEU A 350 -3.51 2.74 -2.92
CA LEU A 350 -3.87 4.02 -2.33
C LEU A 350 -2.79 4.50 -1.36
N THR A 351 -1.92 3.61 -0.90
CA THR A 351 -0.87 3.98 0.02
C THR A 351 0.42 4.17 -0.74
N TYR A 352 0.43 3.62 -1.96
CA TYR A 352 1.60 3.72 -2.83
C TYR A 352 1.54 5.14 -3.44
N ILE A 353 0.44 5.50 -4.08
CA ILE A 353 0.36 6.83 -4.66
C ILE A 353 0.58 7.91 -3.61
N GLN A 354 0.32 7.59 -2.35
CA GLN A 354 0.53 8.57 -1.30
C GLN A 354 2.02 8.74 -1.10
N GLY A 355 2.75 7.65 -1.25
CA GLY A 355 4.20 7.71 -1.12
C GLY A 355 4.81 8.59 -2.19
N LEU A 356 4.37 8.38 -3.43
CA LEU A 356 4.83 9.16 -4.54
C LEU A 356 4.58 10.64 -4.24
N TYR A 357 3.35 11.00 -3.85
CA TYR A 357 3.02 12.38 -3.53
C TYR A 357 3.90 12.93 -2.40
N GLU A 358 3.85 12.31 -1.23
CA GLU A 358 4.67 12.79 -0.10
C GLU A 358 6.11 12.92 -0.61
N ALA A 359 6.65 11.87 -1.19
CA ALA A 359 8.01 11.92 -1.70
C ALA A 359 8.23 13.04 -2.73
N THR A 360 7.24 13.25 -3.60
CA THR A 360 7.33 14.28 -4.64
C THR A 360 7.30 15.70 -4.08
N LYS A 361 6.25 16.03 -3.35
CA LYS A 361 6.14 17.34 -2.74
C LYS A 361 7.31 17.57 -1.78
N ALA A 362 7.95 16.49 -1.32
CA ALA A 362 9.07 16.65 -0.39
C ALA A 362 10.32 17.23 -1.06
N LYS A 363 10.48 18.55 -0.93
CA LYS A 363 11.61 19.28 -1.50
C LYS A 363 12.05 20.45 -0.60
N LYS B 12 16.25 -4.08 -2.27
CA LYS B 12 15.49 -5.33 -2.19
C LYS B 12 14.28 -5.23 -1.25
N TRP B 13 13.08 -5.10 -1.82
CA TRP B 13 11.88 -4.99 -1.02
C TRP B 13 11.59 -6.32 -0.36
N GLY B 14 11.77 -6.36 0.96
CA GLY B 14 11.57 -7.57 1.73
C GLY B 14 10.28 -7.60 2.52
N PHE B 15 10.05 -8.72 3.19
CA PHE B 15 8.84 -8.91 3.97
C PHE B 15 9.02 -10.09 4.91
N ARG B 16 9.01 -9.79 6.21
CA ARG B 16 9.16 -10.82 7.23
C ARG B 16 8.12 -11.94 7.12
N TRP B 17 8.60 -13.18 7.20
CA TRP B 17 7.74 -14.35 7.11
C TRP B 17 8.19 -15.44 8.07
N TYR B 18 7.24 -16.00 8.80
CA TYR B 18 7.57 -17.04 9.76
C TYR B 18 7.60 -18.45 9.19
N GLY B 19 7.82 -18.54 7.88
CA GLY B 19 7.87 -19.84 7.23
C GLY B 19 6.56 -20.60 7.31
N ALA B 20 6.57 -21.81 6.76
CA ALA B 20 5.40 -22.69 6.74
C ALA B 20 5.17 -23.27 8.13
N ALA B 21 4.88 -22.40 9.10
CA ALA B 21 4.66 -22.84 10.46
C ALA B 21 4.25 -21.65 11.33
N GLY B 22 3.09 -21.75 11.97
CA GLY B 22 2.63 -20.67 12.83
C GLY B 22 2.19 -19.44 12.04
N ASP B 23 2.92 -19.13 10.97
CA ASP B 23 2.60 -17.98 10.11
C ASP B 23 1.35 -18.32 9.28
N ALA B 24 0.20 -17.85 9.72
CA ALA B 24 -1.06 -18.10 9.04
C ALA B 24 -1.13 -17.35 7.70
N ILE B 25 0.01 -16.78 7.29
CA ILE B 25 0.07 -16.04 6.05
C ILE B 25 0.67 -16.87 4.94
N PRO B 26 -0.17 -17.40 4.04
CA PRO B 26 0.38 -18.20 2.95
C PRO B 26 1.42 -17.44 2.14
N LEU B 27 2.41 -18.18 1.65
CA LEU B 27 3.49 -17.59 0.88
C LEU B 27 3.04 -17.19 -0.52
N LYS B 28 2.02 -17.86 -1.04
CA LYS B 28 1.49 -17.57 -2.39
C LYS B 28 0.73 -16.25 -2.39
N HIS B 29 0.54 -15.69 -1.21
CA HIS B 29 -0.17 -14.42 -1.08
C HIS B 29 0.85 -13.30 -0.94
N ILE B 30 1.88 -13.54 -0.15
CA ILE B 30 2.88 -12.52 0.03
C ILE B 30 3.52 -12.24 -1.33
N ARG B 31 3.75 -13.28 -2.12
CA ARG B 31 4.38 -13.05 -3.42
C ARG B 31 3.48 -12.29 -4.39
N GLN B 32 2.27 -11.95 -3.96
CA GLN B 32 1.37 -11.19 -4.82
C GLN B 32 1.45 -9.71 -4.47
N ILE B 33 2.25 -9.37 -3.45
CA ILE B 33 2.41 -7.97 -3.07
C ILE B 33 3.20 -7.38 -4.24
N PRO B 34 2.78 -6.21 -4.72
CA PRO B 34 3.47 -5.57 -5.84
C PRO B 34 4.83 -5.05 -5.43
N GLY B 35 5.87 -5.53 -6.11
CA GLY B 35 7.20 -5.06 -5.81
C GLY B 35 8.08 -5.99 -4.98
N ILE B 36 7.49 -6.81 -4.10
CA ILE B 36 8.26 -7.71 -3.25
C ILE B 36 9.35 -8.41 -4.04
N THR B 37 10.55 -8.42 -3.46
CA THR B 37 11.64 -9.09 -4.14
C THR B 37 11.98 -10.35 -3.39
N GLY B 38 11.62 -10.41 -2.12
CA GLY B 38 11.90 -11.61 -1.35
C GLY B 38 11.38 -11.51 0.07
N VAL B 39 11.74 -12.46 0.93
CA VAL B 39 11.28 -12.40 2.31
C VAL B 39 12.44 -12.59 3.27
N VAL B 40 12.15 -12.40 4.55
CA VAL B 40 13.15 -12.58 5.61
C VAL B 40 12.56 -13.57 6.59
N GLY B 41 13.10 -14.79 6.58
CA GLY B 41 12.59 -15.84 7.46
C GLY B 41 13.35 -16.11 8.73
N THR B 42 12.88 -17.12 9.46
CA THR B 42 13.49 -17.53 10.72
C THR B 42 12.88 -18.81 11.29
N LEU B 43 13.70 -19.83 11.44
CA LEU B 43 13.29 -21.11 12.01
C LEU B 43 12.83 -20.91 13.45
N LEU B 44 11.52 -20.82 13.62
CA LEU B 44 10.92 -20.60 14.95
C LEU B 44 11.04 -21.82 15.87
N ASN B 45 11.47 -22.94 15.28
CA ASN B 45 11.66 -24.19 16.00
C ASN B 45 12.85 -24.10 16.96
N LYS B 46 14.02 -23.87 16.39
CA LYS B 46 15.26 -23.77 17.16
C LYS B 46 15.15 -22.77 18.31
N LEU B 47 15.88 -23.04 19.39
CA LEU B 47 15.90 -22.16 20.53
C LEU B 47 17.27 -21.51 20.67
N PRO B 48 17.35 -20.43 21.47
CA PRO B 48 18.59 -19.68 21.70
C PRO B 48 19.79 -20.59 21.93
N GLY B 49 20.77 -20.51 21.04
CA GLY B 49 21.95 -21.32 21.20
C GLY B 49 22.07 -22.50 20.27
N ASP B 50 20.94 -22.97 19.75
CA ASP B 50 20.97 -24.11 18.84
C ASP B 50 21.77 -23.85 17.59
N VAL B 51 22.06 -24.92 16.89
CA VAL B 51 22.82 -24.82 15.66
C VAL B 51 21.90 -25.07 14.50
N TRP B 52 21.91 -24.17 13.53
CA TRP B 52 21.06 -24.32 12.35
C TRP B 52 21.74 -25.21 11.33
N THR B 53 21.12 -26.36 11.07
CA THR B 53 21.65 -27.35 10.13
C THR B 53 21.34 -27.02 8.66
N VAL B 54 22.34 -27.16 7.80
CA VAL B 54 22.17 -26.88 6.38
C VAL B 54 20.86 -27.47 5.86
N ALA B 55 20.47 -28.61 6.43
CA ALA B 55 19.23 -29.26 6.03
C ALA B 55 18.02 -28.35 6.24
N GLU B 56 17.90 -27.79 7.45
CA GLU B 56 16.80 -26.89 7.82
C GLU B 56 16.84 -25.59 7.01
N ILE B 57 18.02 -25.01 6.89
CA ILE B 57 18.24 -23.77 6.15
C ILE B 57 17.84 -24.01 4.69
N GLN B 58 18.32 -25.12 4.12
CA GLN B 58 18.01 -25.44 2.74
C GLN B 58 16.50 -25.59 2.58
N ALA B 59 15.86 -26.21 3.57
CA ALA B 59 14.41 -26.41 3.55
C ALA B 59 13.70 -25.06 3.44
N LEU B 60 13.99 -24.19 4.39
CA LEU B 60 13.42 -22.86 4.44
C LEU B 60 13.62 -22.15 3.12
N LYS B 61 14.88 -21.99 2.72
CA LYS B 61 15.21 -21.31 1.48
C LYS B 61 14.41 -21.87 0.31
N GLN B 62 14.23 -23.18 0.30
CA GLN B 62 13.50 -23.81 -0.78
C GLN B 62 12.04 -23.42 -0.78
N SER B 63 11.36 -23.65 0.33
CA SER B 63 9.93 -23.32 0.40
C SER B 63 9.72 -21.87 -0.05
N VAL B 64 10.73 -21.04 0.14
CA VAL B 64 10.62 -19.65 -0.26
C VAL B 64 10.76 -19.53 -1.78
N GLU B 65 11.84 -20.08 -2.33
CA GLU B 65 12.08 -20.00 -3.76
C GLU B 65 11.03 -20.71 -4.61
N GLN B 66 10.26 -21.59 -3.97
CA GLN B 66 9.19 -22.31 -4.65
C GLN B 66 8.18 -21.30 -5.18
N GLU B 67 7.78 -20.35 -4.33
CA GLU B 67 6.84 -19.31 -4.70
C GLU B 67 7.54 -18.16 -5.40
N GLY B 68 8.68 -18.45 -5.99
CA GLY B 68 9.42 -17.44 -6.72
C GLY B 68 9.85 -16.24 -5.92
N LEU B 69 10.11 -16.46 -4.64
CA LEU B 69 10.55 -15.39 -3.75
C LEU B 69 11.97 -15.69 -3.32
N ALA B 70 12.79 -14.66 -3.17
CA ALA B 70 14.17 -14.87 -2.74
C ALA B 70 14.25 -14.76 -1.21
N LEU B 71 15.12 -15.55 -0.60
CA LEU B 71 15.30 -15.51 0.85
C LEU B 71 16.34 -14.42 1.09
N LEU B 72 15.88 -13.21 1.33
CA LEU B 72 16.77 -12.06 1.54
C LEU B 72 17.70 -12.17 2.77
N GLY B 73 17.24 -12.80 3.85
CA GLY B 73 18.09 -12.94 5.02
C GLY B 73 17.31 -13.54 6.15
N ILE B 74 18.00 -14.07 7.16
CA ILE B 74 17.29 -14.65 8.29
C ILE B 74 17.40 -13.69 9.44
N GLU B 75 16.37 -13.65 10.26
CA GLU B 75 16.35 -12.74 11.39
C GLU B 75 16.56 -13.50 12.70
N SER B 76 15.53 -13.46 13.55
CA SER B 76 15.58 -14.12 14.84
C SER B 76 16.74 -15.10 14.86
N VAL B 77 17.83 -14.74 15.52
CA VAL B 77 18.96 -15.64 15.58
C VAL B 77 19.13 -16.12 17.03
N ALA B 78 19.99 -17.10 17.22
CA ALA B 78 20.21 -17.66 18.56
C ALA B 78 21.26 -16.93 19.40
N ILE B 79 20.85 -15.90 20.13
CA ILE B 79 21.80 -15.17 20.97
C ILE B 79 21.65 -15.57 22.43
N HIS B 80 22.11 -16.79 22.73
CA HIS B 80 22.06 -17.39 24.07
C HIS B 80 22.44 -16.41 25.18
N ASP B 81 21.72 -16.47 26.29
CA ASP B 81 21.98 -15.59 27.42
C ASP B 81 23.43 -15.70 27.91
N ALA B 82 24.05 -16.85 27.64
CA ALA B 82 25.41 -17.06 28.08
C ALA B 82 26.36 -16.04 27.43
N ILE B 83 26.28 -15.88 26.12
CA ILE B 83 27.15 -14.94 25.44
C ILE B 83 26.88 -13.53 25.94
N LYS B 84 25.61 -13.23 26.16
CA LYS B 84 25.19 -11.90 26.61
C LYS B 84 25.61 -11.61 28.05
N ALA B 85 25.23 -12.47 28.98
CA ALA B 85 25.59 -12.24 30.37
C ALA B 85 27.11 -12.33 30.55
N GLY B 86 27.75 -13.24 29.81
CA GLY B 86 29.19 -13.37 29.94
C GLY B 86 29.60 -14.63 30.67
N THR B 87 28.65 -15.55 30.82
CA THR B 87 28.88 -16.83 31.48
C THR B 87 30.09 -17.55 30.86
N ASP B 88 30.34 -18.77 31.30
CA ASP B 88 31.47 -19.53 30.79
C ASP B 88 31.09 -20.37 29.59
N GLN B 89 29.83 -20.78 29.56
CA GLN B 89 29.30 -21.60 28.47
C GLN B 89 29.23 -20.82 27.17
N ARG B 90 29.51 -19.52 27.26
CA ARG B 90 29.46 -18.66 26.08
C ARG B 90 30.41 -19.14 25.00
N ASP B 91 31.56 -19.68 25.40
CA ASP B 91 32.54 -20.14 24.42
C ASP B 91 31.97 -21.26 23.54
N HIS B 92 31.14 -22.12 24.13
CA HIS B 92 30.54 -23.22 23.40
C HIS B 92 29.43 -22.72 22.51
N TYR B 93 28.70 -21.71 22.98
CA TYR B 93 27.61 -21.12 22.19
C TYR B 93 28.13 -20.22 21.07
N ILE B 94 29.22 -19.48 21.32
CA ILE B 94 29.78 -18.63 20.26
C ILE B 94 30.35 -19.56 19.21
N ASP B 95 30.63 -20.80 19.59
CA ASP B 95 31.16 -21.73 18.60
C ASP B 95 30.00 -22.35 17.81
N ASN B 96 28.89 -22.64 18.49
CA ASN B 96 27.73 -23.21 17.81
C ASN B 96 27.10 -22.13 16.93
N TYR B 97 27.38 -20.88 17.25
CA TYR B 97 26.84 -19.77 16.47
C TYR B 97 27.67 -19.57 15.22
N ARG B 98 28.99 -19.66 15.34
CA ARG B 98 29.81 -19.48 14.17
C ARG B 98 29.59 -20.67 13.25
N GLN B 99 29.19 -21.80 13.83
CA GLN B 99 28.93 -23.00 13.04
C GLN B 99 27.74 -22.79 12.10
N THR B 100 26.61 -22.36 12.67
CA THR B 100 25.42 -22.11 11.87
C THR B 100 25.75 -21.03 10.84
N LEU B 101 26.59 -20.09 11.25
CA LEU B 101 26.99 -19.00 10.37
C LEU B 101 27.64 -19.60 9.11
N ARG B 102 28.35 -20.72 9.30
CA ARG B 102 28.98 -21.40 8.18
C ARG B 102 27.90 -22.09 7.36
N ASN B 103 26.87 -22.58 8.05
CA ASN B 103 25.78 -23.25 7.37
C ASN B 103 24.96 -22.28 6.54
N LEU B 104 24.71 -21.10 7.08
CA LEU B 104 23.95 -20.09 6.36
C LEU B 104 24.69 -19.64 5.10
N GLY B 105 26.02 -19.54 5.21
CA GLY B 105 26.82 -19.11 4.08
C GLY B 105 26.86 -20.17 2.99
N LYS B 106 26.78 -21.41 3.44
CA LYS B 106 26.80 -22.56 2.56
C LYS B 106 25.52 -22.62 1.76
N CYS B 107 24.45 -22.04 2.29
CA CYS B 107 23.19 -22.06 1.57
C CYS B 107 22.94 -20.75 0.83
N GLY B 108 23.95 -19.88 0.80
CA GLY B 108 23.82 -18.62 0.09
C GLY B 108 23.30 -17.44 0.88
N ILE B 109 22.77 -17.70 2.06
CA ILE B 109 22.25 -16.62 2.90
C ILE B 109 23.34 -15.59 3.13
N SER B 110 23.01 -14.31 3.03
CA SER B 110 24.01 -13.28 3.22
C SER B 110 23.67 -12.22 4.25
N LEU B 111 22.47 -12.33 4.83
CA LEU B 111 22.05 -11.35 5.81
C LEU B 111 21.46 -11.97 7.07
N VAL B 112 21.97 -11.54 8.22
CA VAL B 112 21.50 -12.04 9.50
C VAL B 112 21.22 -10.88 10.43
N CYS B 113 20.00 -10.85 10.96
CA CYS B 113 19.58 -9.81 11.89
C CYS B 113 19.58 -10.43 13.30
N TYR B 114 20.07 -9.68 14.28
CA TYR B 114 20.14 -10.18 15.65
C TYR B 114 20.05 -9.04 16.64
N SER B 115 19.93 -9.38 17.91
CA SER B 115 19.82 -8.37 18.94
C SER B 115 20.47 -8.83 20.21
N PHE B 116 21.13 -7.88 20.89
CA PHE B 116 21.81 -8.14 22.13
C PHE B 116 21.01 -7.58 23.31
N LYS B 117 19.75 -7.98 23.45
CA LYS B 117 18.94 -7.49 24.57
C LYS B 117 19.05 -8.48 25.74
N PRO B 118 18.98 -7.96 26.98
CA PRO B 118 19.07 -8.75 28.20
C PRO B 118 17.95 -9.77 28.35
N ILE B 119 17.01 -9.50 29.23
CA ILE B 119 15.93 -10.45 29.50
C ILE B 119 14.68 -10.28 28.66
N PHE B 120 14.33 -9.05 28.30
CA PHE B 120 13.15 -8.79 27.51
C PHE B 120 13.45 -8.50 26.05
N GLY B 121 13.00 -9.39 25.17
CA GLY B 121 13.21 -9.19 23.75
C GLY B 121 12.34 -8.05 23.21
N TRP B 122 11.23 -7.77 23.90
CA TRP B 122 10.33 -6.71 23.50
C TRP B 122 9.41 -6.37 24.68
N ALA B 123 8.94 -5.13 24.74
CA ALA B 123 8.06 -4.72 25.83
C ALA B 123 6.92 -3.88 25.29
N LYS B 124 5.74 -4.07 25.86
CA LYS B 124 4.53 -3.35 25.47
C LYS B 124 3.53 -3.48 26.62
N THR B 125 2.92 -2.37 27.05
CA THR B 125 1.95 -2.44 28.14
C THR B 125 0.60 -2.89 27.61
N ASP B 126 0.06 -2.16 26.63
CA ASP B 126 -1.24 -2.49 26.06
C ASP B 126 -1.06 -3.09 24.68
N LEU B 127 -1.25 -4.41 24.55
CA LEU B 127 -1.07 -5.03 23.23
C LEU B 127 -2.38 -5.25 22.47
N ALA B 128 -3.29 -4.28 22.58
CA ALA B 128 -4.58 -4.32 21.89
C ALA B 128 -5.27 -2.96 21.93
N TYR B 129 -4.46 -1.90 21.83
CA TYR B 129 -4.94 -0.52 21.83
C TYR B 129 -5.77 -0.23 20.59
N GLU B 130 -6.99 0.24 20.81
CA GLU B 130 -7.88 0.56 19.72
C GLU B 130 -7.68 1.99 19.30
N ASN B 131 -7.73 2.23 18.00
CA ASN B 131 -7.57 3.58 17.46
C ASN B 131 -8.92 4.10 16.97
N GLU B 132 -8.94 5.34 16.51
CA GLU B 132 -10.16 5.97 16.01
C GLU B 132 -10.74 5.19 14.83
N ASP B 133 -9.87 4.78 13.91
CA ASP B 133 -10.26 4.03 12.73
C ASP B 133 -10.75 2.63 13.10
N GLY B 134 -10.70 2.33 14.40
CA GLY B 134 -11.14 1.04 14.88
C GLY B 134 -10.13 -0.09 14.67
N SER B 135 -8.84 0.24 14.66
CA SER B 135 -7.82 -0.80 14.48
C SER B 135 -7.05 -0.99 15.79
N LEU B 136 -6.48 -2.17 15.96
CA LEU B 136 -5.72 -2.47 17.16
C LEU B 136 -4.23 -2.23 16.94
N SER B 137 -3.55 -1.80 17.99
CA SER B 137 -2.12 -1.52 17.92
C SER B 137 -1.43 -1.85 19.22
N LEU B 138 -0.10 -1.99 19.17
CA LEU B 138 0.68 -2.26 20.36
C LEU B 138 1.10 -0.91 20.94
N LEU B 139 0.90 -0.75 22.25
CA LEU B 139 1.24 0.51 22.91
C LEU B 139 2.18 0.29 24.09
N PHE B 140 3.06 1.26 24.32
CA PHE B 140 4.01 1.17 25.43
C PHE B 140 3.94 2.44 26.27
N ASP B 141 3.44 2.32 27.49
CA ASP B 141 3.33 3.48 28.34
C ASP B 141 4.29 3.36 29.51
N GLN B 142 5.27 4.26 29.58
CA GLN B 142 6.26 4.23 30.65
C GLN B 142 5.60 4.32 32.03
N ALA B 143 4.48 5.03 32.11
CA ALA B 143 3.76 5.17 33.37
C ALA B 143 3.35 3.81 33.89
N VAL B 144 2.90 2.93 33.00
CA VAL B 144 2.49 1.61 33.41
C VAL B 144 3.69 0.73 33.74
N VAL B 145 4.77 0.86 32.99
CA VAL B 145 5.96 0.05 33.25
C VAL B 145 6.50 0.28 34.65
N GLU B 146 6.32 1.49 35.17
CA GLU B 146 6.78 1.87 36.51
C GLU B 146 6.04 1.10 37.60
N ASN B 147 4.73 1.26 37.63
CA ASN B 147 3.90 0.61 38.63
C ASN B 147 3.70 -0.87 38.43
N GLN B 149 5.58 -4.83 38.19
CA GLN B 149 6.74 -5.65 38.53
C GLN B 149 7.37 -6.28 37.30
N PRO B 150 8.72 -6.35 37.28
CA PRO B 150 9.52 -6.92 36.19
C PRO B 150 9.02 -8.27 35.73
N GLU B 151 8.55 -9.08 36.66
CA GLU B 151 8.06 -10.40 36.29
C GLU B 151 6.73 -10.32 35.54
N ASP B 152 5.92 -9.31 35.85
CA ASP B 152 4.63 -9.17 35.17
C ASP B 152 4.82 -8.97 33.68
N TYR B 154 7.31 -10.10 32.01
CA TYR B 154 7.74 -11.38 31.50
C TYR B 154 6.50 -12.20 31.20
N GLN B 155 5.63 -12.32 32.20
CA GLN B 155 4.39 -13.10 32.06
C GLN B 155 3.67 -12.61 30.80
N LEU B 156 3.57 -11.30 30.68
CA LEU B 156 2.88 -10.66 29.55
C LEU B 156 3.44 -10.99 28.16
N ILE B 157 4.72 -10.73 27.94
CA ILE B 157 5.34 -10.99 26.65
C ILE B 157 5.63 -12.47 26.42
N HIS B 158 5.02 -13.32 27.24
CA HIS B 158 5.20 -14.76 27.09
C HIS B 158 3.86 -15.48 27.17
N SER B 159 2.85 -14.90 26.50
CA SER B 159 1.51 -15.47 26.45
C SER B 159 0.96 -15.53 25.02
N TRP B 169 -2.06 -17.53 35.16
CA TRP B 169 -0.91 -17.63 36.07
C TRP B 169 0.07 -18.73 35.65
N GLU B 170 1.22 -18.33 35.12
CA GLU B 170 2.23 -19.30 34.69
C GLU B 170 3.37 -19.38 35.72
N GLU B 171 3.37 -20.43 36.53
CA GLU B 171 4.39 -20.62 37.56
C GLU B 171 5.57 -21.45 37.02
N GLU B 172 5.31 -22.18 35.94
CA GLU B 172 6.34 -23.00 35.30
C GLU B 172 7.27 -22.13 34.45
N ARG B 173 7.08 -20.82 34.54
CA ARG B 173 7.90 -19.87 33.78
C ARG B 173 8.35 -18.75 34.71
N LEU B 174 7.90 -18.80 35.96
CA LEU B 174 8.26 -17.82 36.97
C LEU B 174 9.76 -17.84 37.25
N GLN B 175 10.30 -19.03 37.48
CA GLN B 175 11.73 -19.20 37.74
C GLN B 175 12.52 -18.91 36.47
N GLN B 176 11.85 -19.10 35.33
CA GLN B 176 12.46 -18.86 34.03
C GLN B 176 12.97 -17.42 34.01
N PHE B 177 12.20 -16.53 34.62
CA PHE B 177 12.56 -15.11 34.70
C PHE B 177 13.45 -14.84 35.91
N GLN B 178 13.03 -15.36 37.06
CA GLN B 178 13.79 -15.14 38.29
C GLN B 178 15.23 -15.63 38.21
N GLU B 179 15.52 -16.48 37.23
CA GLU B 179 16.87 -16.99 37.04
C GLU B 179 17.70 -16.02 36.22
N LEU B 180 17.15 -15.61 35.08
CA LEU B 180 17.82 -14.67 34.20
C LEU B 180 18.16 -13.37 34.95
N LYS B 181 17.25 -12.96 35.83
CA LYS B 181 17.42 -11.74 36.64
C LYS B 181 18.65 -11.87 37.53
N ALA B 182 18.72 -13.01 38.22
CA ALA B 182 19.83 -13.29 39.11
C ALA B 182 21.09 -13.47 38.28
N TYR B 184 21.85 -11.91 34.99
CA TYR B 184 22.30 -10.64 34.46
C TYR B 184 22.57 -9.64 35.58
N ALA B 185 22.18 -10.01 36.80
CA ALA B 185 22.40 -9.15 37.95
C ALA B 185 23.88 -8.83 38.09
N GLY B 186 24.22 -7.56 38.03
CA GLY B 186 25.61 -7.16 38.16
C GLY B 186 26.26 -6.79 36.84
N VAL B 187 25.67 -7.25 35.74
CA VAL B 187 26.18 -6.96 34.41
C VAL B 187 25.93 -5.49 34.04
N THR B 188 26.91 -4.60 34.23
CA THR B 188 26.71 -3.18 33.89
C THR B 188 26.61 -2.91 32.40
N GLU B 189 26.29 -1.67 32.04
CA GLU B 189 26.19 -1.32 30.63
C GLU B 189 27.47 -1.66 29.92
N GLU B 190 28.58 -1.12 30.41
CA GLU B 190 29.90 -1.37 29.81
C GLU B 190 30.23 -2.86 29.79
N ASP B 191 29.72 -3.60 30.76
CA ASP B 191 29.98 -5.03 30.81
C ASP B 191 29.34 -5.71 29.62
N LEU B 192 28.14 -5.27 29.32
CA LEU B 192 27.38 -5.79 28.20
C LEU B 192 28.11 -5.47 26.91
N VAL B 193 28.57 -4.23 26.78
CA VAL B 193 29.28 -3.84 25.58
C VAL B 193 30.46 -4.78 25.37
N GLU B 194 31.13 -5.11 26.46
CA GLU B 194 32.29 -6.00 26.38
C GLU B 194 31.90 -7.42 25.99
N ASN B 195 30.74 -7.86 26.45
CA ASN B 195 30.26 -9.20 26.12
C ASN B 195 29.87 -9.22 24.65
N LEU B 196 29.53 -8.06 24.13
CA LEU B 196 29.17 -8.00 22.74
C LEU B 196 30.45 -7.95 21.93
N ARG B 197 31.51 -7.49 22.59
CA ARG B 197 32.82 -7.39 21.95
C ARG B 197 33.34 -8.80 21.74
N TYR B 198 33.33 -9.58 22.81
CA TYR B 198 33.78 -10.96 22.78
C TYR B 198 33.02 -11.70 21.67
N PHE B 199 31.70 -11.48 21.63
CA PHE B 199 30.82 -12.12 20.66
C PHE B 199 31.21 -11.75 19.22
N LEU B 200 31.28 -10.45 18.95
CA LEU B 200 31.64 -9.96 17.65
C LEU B 200 33.03 -10.45 17.22
N GLU B 201 34.02 -10.31 18.10
CA GLU B 201 35.39 -10.74 17.80
C GLU B 201 35.54 -12.19 17.41
N ARG B 202 34.51 -12.99 17.64
CA ARG B 202 34.61 -14.39 17.32
C ARG B 202 33.60 -14.87 16.28
N VAL B 203 32.61 -14.02 15.97
CA VAL B 203 31.55 -14.34 15.00
C VAL B 203 31.70 -13.52 13.69
N ILE B 204 32.17 -12.27 13.82
CA ILE B 204 32.37 -11.38 12.67
C ILE B 204 33.43 -11.91 11.72
N PRO B 205 34.56 -12.39 12.26
CA PRO B 205 35.61 -12.92 11.39
C PRO B 205 35.11 -14.03 10.47
N VAL B 206 34.32 -14.95 11.02
CA VAL B 206 33.77 -16.03 10.22
C VAL B 206 32.72 -15.47 9.27
N CYS B 207 32.01 -14.42 9.68
CA CYS B 207 30.99 -13.83 8.81
C CYS B 207 31.59 -13.49 7.45
N GLU B 208 32.72 -12.79 7.47
CA GLU B 208 33.40 -12.41 6.24
C GLU B 208 33.82 -13.64 5.42
N GLU B 209 34.38 -14.65 6.08
CA GLU B 209 34.77 -15.86 5.37
C GLU B 209 33.57 -16.38 4.60
N GLU B 210 32.41 -16.42 5.27
CA GLU B 210 31.19 -16.91 4.67
C GLU B 210 30.46 -15.83 3.91
N ASN B 211 31.00 -14.63 3.95
CA ASN B 211 30.42 -13.50 3.24
C ASN B 211 28.98 -13.17 3.69
N ILE B 212 28.87 -12.74 4.94
CA ILE B 212 27.62 -12.40 5.54
C ILE B 212 27.77 -11.12 6.36
N LYS B 213 26.71 -10.32 6.37
CA LYS B 213 26.65 -9.05 7.11
C LYS B 213 25.63 -9.23 8.22
N GLY B 215 23.29 -7.71 11.16
CA GLY B 215 22.66 -6.44 11.46
C GLY B 215 21.98 -6.53 12.80
N ILE B 216 22.45 -5.75 13.77
CA ILE B 216 21.86 -5.74 15.12
C ILE B 216 20.63 -4.84 15.19
N HIS B 217 19.61 -5.34 15.87
CA HIS B 217 18.32 -4.68 16.07
C HIS B 217 18.38 -3.80 17.31
N PRO B 218 18.05 -2.51 17.18
CA PRO B 218 18.05 -1.56 18.30
C PRO B 218 17.04 -1.96 19.38
N ASP B 219 17.03 -1.21 20.49
CA ASP B 219 16.10 -1.52 21.57
C ASP B 219 14.79 -0.75 21.48
N ASP B 220 13.67 -1.45 21.68
CA ASP B 220 12.38 -0.77 21.68
C ASP B 220 11.62 -1.28 22.90
N PRO B 221 11.31 -0.36 23.81
CA PRO B 221 11.67 1.05 23.67
C PRO B 221 13.18 1.29 23.78
N PRO B 222 13.66 2.43 23.24
CA PRO B 222 15.08 2.80 23.27
C PRO B 222 15.48 3.48 24.57
N TRP B 223 15.18 2.81 25.68
CA TRP B 223 15.54 3.33 26.99
C TRP B 223 15.47 2.27 28.09
N GLU B 224 16.21 2.50 29.17
CA GLU B 224 16.25 1.55 30.27
C GLU B 224 14.90 1.28 30.88
N ILE B 225 14.62 0.01 31.14
CA ILE B 225 13.37 -0.37 31.79
C ILE B 225 13.72 -1.44 32.81
N PHE B 226 13.07 -1.37 33.97
CA PHE B 226 13.32 -2.31 35.06
C PHE B 226 14.81 -2.30 35.41
N GLY B 227 15.40 -1.10 35.43
CA GLY B 227 16.81 -0.97 35.74
C GLY B 227 17.72 -1.89 34.97
N LEU B 228 17.19 -2.47 33.90
CA LEU B 228 17.98 -3.38 33.07
C LEU B 228 18.70 -2.53 32.01
N PRO B 229 20.04 -2.55 32.02
CA PRO B 229 20.82 -1.77 31.06
C PRO B 229 20.80 -2.24 29.60
N ARG B 230 20.45 -1.33 28.70
CA ARG B 230 20.41 -1.61 27.27
C ARG B 230 21.35 -0.68 26.52
N ILE B 231 22.18 -1.25 25.67
CA ILE B 231 23.15 -0.48 24.91
C ILE B 231 22.67 0.22 23.64
N THR B 232 22.33 -0.55 22.63
CA THR B 232 21.86 0.04 21.40
C THR B 232 20.51 0.71 21.54
N LYS B 233 20.54 2.05 21.64
CA LYS B 233 19.35 2.88 21.80
C LYS B 233 19.54 4.32 21.33
N ASN B 234 20.68 4.61 20.72
CA ASN B 234 20.96 5.96 20.24
C ASN B 234 22.26 6.02 19.43
N LEU B 235 22.44 7.12 18.72
CA LEU B 235 23.64 7.28 17.93
C LEU B 235 24.90 7.03 18.79
N ALA B 236 24.79 7.26 20.09
CA ALA B 236 25.90 7.03 21.02
C ALA B 236 26.39 5.59 20.90
N ASP B 237 25.57 4.65 21.39
CA ASP B 237 25.97 3.25 21.33
C ASP B 237 26.21 2.82 19.89
N LEU B 238 25.23 3.06 19.03
CA LEU B 238 25.40 2.67 17.64
C LEU B 238 26.85 2.87 17.19
N LYS B 239 27.38 4.08 17.38
CA LYS B 239 28.78 4.41 17.02
C LYS B 239 29.73 3.45 17.73
N ARG B 240 29.42 3.18 18.99
CA ARG B 240 30.24 2.29 19.79
C ARG B 240 30.19 0.85 19.28
N ILE B 241 29.02 0.44 18.78
CA ILE B 241 28.87 -0.91 18.26
C ILE B 241 29.82 -1.08 17.07
N LEU B 242 29.87 -0.07 16.23
CA LEU B 242 30.73 -0.14 15.08
C LEU B 242 32.20 -0.17 15.46
N SER B 243 32.53 0.39 16.63
CA SER B 243 33.93 0.44 17.09
C SER B 243 34.46 -0.91 17.56
N LEU B 244 33.60 -1.67 18.22
CA LEU B 244 33.98 -2.97 18.74
C LEU B 244 34.79 -3.73 17.70
N VAL B 245 34.30 -3.74 16.47
CA VAL B 245 34.99 -4.40 15.37
C VAL B 245 34.73 -3.55 14.12
N ASP B 246 35.76 -2.85 13.65
CA ASP B 246 35.63 -2.02 12.46
C ASP B 246 35.59 -2.94 11.24
N SER B 247 34.38 -3.32 10.84
CA SER B 247 34.19 -4.22 9.71
C SER B 247 32.79 -4.03 9.14
N PRO B 248 32.67 -3.99 7.81
CA PRO B 248 31.35 -3.82 7.20
C PRO B 248 30.38 -4.94 7.61
N ALA B 249 30.95 -6.07 8.02
CA ALA B 249 30.17 -7.24 8.46
C ALA B 249 29.47 -6.95 9.81
N ASN B 250 30.08 -6.09 10.62
CA ASN B 250 29.53 -5.72 11.91
C ASN B 250 28.67 -4.48 11.69
N GLY B 251 27.50 -4.71 11.10
CA GLY B 251 26.59 -3.61 10.79
C GLY B 251 25.39 -3.48 11.70
N ILE B 252 24.46 -2.63 11.29
CA ILE B 252 23.29 -2.42 12.11
C ILE B 252 22.02 -2.30 11.30
N THR B 253 20.96 -2.96 11.74
CA THR B 253 19.68 -2.87 11.03
C THR B 253 19.06 -1.59 11.57
N PHE B 254 18.30 -0.88 10.75
CA PHE B 254 17.71 0.38 11.18
C PHE B 254 16.18 0.34 11.30
N CYS B 255 15.66 0.13 12.51
CA CYS B 255 14.22 0.09 12.72
C CYS B 255 13.81 1.49 13.16
N THR B 256 13.59 2.38 12.18
CA THR B 256 13.20 3.77 12.41
C THR B 256 12.23 3.90 13.57
N GLY B 257 11.33 2.93 13.67
CA GLY B 257 10.33 2.95 14.71
C GLY B 257 10.92 2.83 16.08
N SER B 258 11.61 1.72 16.31
CA SER B 258 12.25 1.50 17.59
C SER B 258 13.04 2.72 18.12
N LEU B 259 13.92 3.28 17.29
CA LEU B 259 14.72 4.45 17.67
C LEU B 259 13.85 5.70 17.65
N GLY B 260 12.90 5.73 16.73
CA GLY B 260 12.02 6.86 16.60
C GLY B 260 11.20 7.13 17.83
N ALA B 261 10.98 6.08 18.63
CA ALA B 261 10.18 6.17 19.87
C ALA B 261 10.73 7.25 20.82
N ASP B 262 12.02 7.51 20.74
CA ASP B 262 12.64 8.54 21.56
C ASP B 262 12.75 9.77 20.68
N PRO B 263 11.95 10.81 20.97
CA PRO B 263 11.95 12.04 20.20
C PRO B 263 13.27 12.83 20.19
N THR B 264 14.18 12.48 21.09
CA THR B 264 15.45 13.16 21.12
C THR B 264 16.41 12.56 20.10
N ASN B 265 16.03 11.41 19.55
CA ASN B 265 16.85 10.73 18.56
C ASN B 265 16.60 11.26 17.16
N ASP B 266 17.51 12.06 16.66
CA ASP B 266 17.40 12.63 15.32
C ASP B 266 17.62 11.52 14.28
N LEU B 267 16.54 10.87 13.85
CA LEU B 267 16.66 9.79 12.87
C LEU B 267 17.39 10.15 11.57
N PRO B 268 17.07 11.30 10.96
CA PRO B 268 17.75 11.65 9.72
C PRO B 268 19.26 11.67 9.82
N THR B 269 19.79 12.63 10.58
CA THR B 269 21.23 12.76 10.77
C THR B 269 21.87 11.41 11.04
N ILE B 271 20.99 8.31 10.23
CA ILE B 271 21.12 7.55 9.00
C ILE B 271 22.27 8.07 8.18
N ARG B 272 22.43 9.39 8.15
CA ARG B 272 23.50 10.00 7.38
C ARG B 272 24.86 9.85 8.04
N GLU B 273 24.82 9.77 9.38
CA GLU B 273 26.00 9.60 10.22
C GLU B 273 26.60 8.19 10.19
N ILE B 274 25.73 7.18 10.24
CA ILE B 274 26.16 5.79 10.23
C ILE B 274 25.43 4.97 9.18
N GLY B 275 25.11 5.60 8.05
CA GLY B 275 24.39 4.92 6.98
C GLY B 275 25.21 3.88 6.24
N HIS B 276 26.52 4.11 6.21
CA HIS B 276 27.41 3.21 5.54
C HIS B 276 27.43 1.85 6.21
N ARG B 277 26.91 1.76 7.44
CA ARG B 277 26.90 0.48 8.18
C ARG B 277 25.51 -0.06 8.49
N ILE B 278 24.55 0.27 7.63
CA ILE B 278 23.19 -0.22 7.79
C ILE B 278 23.05 -1.36 6.81
N ASN B 279 22.90 -2.56 7.34
CA ASN B 279 22.77 -3.75 6.50
C ASN B 279 21.30 -4.16 6.35
N PHE B 280 20.43 -3.63 7.21
CA PHE B 280 19.01 -3.98 7.17
C PHE B 280 18.24 -2.74 7.63
N VAL B 281 16.95 -2.69 7.35
CA VAL B 281 16.16 -1.52 7.72
C VAL B 281 14.67 -1.82 7.84
N HIS B 282 14.14 -1.56 9.03
CA HIS B 282 12.73 -1.76 9.33
C HIS B 282 12.08 -0.39 9.28
N PHE B 283 11.46 -0.08 8.13
CA PHE B 283 10.81 1.22 7.88
C PHE B 283 9.37 1.37 8.42
N ARG B 284 9.22 1.39 9.74
CA ARG B 284 7.89 1.51 10.32
C ARG B 284 7.70 2.80 11.09
N ASN B 285 6.46 3.29 11.12
CA ASN B 285 6.15 4.56 11.78
C ASN B 285 5.53 4.35 13.17
N VAL B 286 5.82 5.27 14.08
CA VAL B 286 5.27 5.17 15.43
C VAL B 286 4.54 6.47 15.76
N LYS B 287 3.61 6.41 16.70
CA LYS B 287 2.84 7.60 17.07
C LYS B 287 3.01 8.00 18.52
N TYR B 288 3.27 9.27 18.74
CA TYR B 288 3.46 9.76 20.09
C TYR B 288 2.15 9.99 20.84
N LEU B 289 1.52 8.94 21.35
CA LEU B 289 0.28 9.11 22.11
C LEU B 289 0.58 9.46 23.56
N GLY B 290 1.39 10.49 23.75
CA GLY B 290 1.75 10.88 25.11
C GLY B 290 3.25 11.07 25.27
N GLU B 291 3.66 11.42 26.49
CA GLU B 291 5.08 11.64 26.76
C GLU B 291 5.91 10.41 26.45
N HIS B 292 6.41 9.77 27.50
CA HIS B 292 7.22 8.59 27.33
C HIS B 292 6.35 7.43 26.81
N ARG B 293 5.06 7.67 26.57
CA ARG B 293 4.19 6.61 26.07
C ARG B 293 3.95 6.80 24.57
N PHE B 294 3.90 5.70 23.83
CA PHE B 294 3.69 5.78 22.38
C PHE B 294 3.07 4.49 21.83
N GLU B 295 2.79 4.48 20.54
CA GLU B 295 2.18 3.31 19.88
C GLU B 295 2.67 3.12 18.43
N GLU B 296 2.34 1.96 17.88
CA GLU B 296 2.71 1.67 16.52
C GLU B 296 1.51 2.06 15.66
N THR B 297 1.74 2.49 14.42
CA THR B 297 0.62 2.84 13.56
C THR B 297 0.95 2.55 12.12
N ALA B 298 0.15 3.12 11.22
CA ALA B 298 0.36 2.90 9.80
C ALA B 298 1.68 3.52 9.38
N HIS B 299 2.18 3.08 8.25
CA HIS B 299 3.45 3.55 7.72
C HIS B 299 3.50 5.01 7.32
N PRO B 300 2.53 5.48 6.50
CA PRO B 300 2.56 6.89 6.10
C PRO B 300 2.66 7.89 7.27
N SER B 301 3.43 8.95 7.02
CA SER B 301 3.69 10.00 8.00
C SER B 301 2.44 10.59 8.64
N VAL B 302 1.40 10.80 7.84
CA VAL B 302 0.17 11.33 8.37
C VAL B 302 -0.34 10.48 9.51
N ALA B 303 -0.10 9.17 9.47
CA ALA B 303 -0.60 8.29 10.52
C ALA B 303 0.11 8.45 11.85
N GLY B 304 1.41 8.62 11.80
CA GLY B 304 2.18 8.75 13.03
C GLY B 304 2.80 10.10 13.24
N SER B 305 3.94 10.04 13.92
CA SER B 305 4.71 11.22 14.29
C SER B 305 6.05 11.31 13.57
N LEU B 306 6.46 10.25 12.89
CA LEU B 306 7.75 10.27 12.17
C LEU B 306 7.71 10.72 10.71
N ASP B 307 8.36 11.81 10.36
CA ASP B 307 8.35 12.25 8.96
C ASP B 307 9.05 11.21 8.10
N ALA B 309 9.02 10.66 4.69
CA ALA B 309 9.61 11.16 3.47
C ALA B 309 11.03 11.58 3.77
N GLU B 310 11.18 12.34 4.84
CA GLU B 310 12.50 12.83 5.24
C GLU B 310 13.44 11.65 5.48
N LEU B 311 12.92 10.61 6.13
CA LEU B 311 13.71 9.43 6.42
C LEU B 311 14.11 8.69 5.15
N GLN B 313 14.56 10.05 2.35
CA GLN B 313 15.50 10.91 1.64
C GLN B 313 16.91 10.66 2.15
N ALA B 314 16.99 10.45 3.47
CA ALA B 314 18.25 10.21 4.15
C ALA B 314 18.83 8.85 3.78
N LEU B 315 17.97 7.88 3.44
CA LEU B 315 18.51 6.59 3.06
C LEU B 315 19.17 6.70 1.68
N VAL B 316 18.49 7.36 0.74
CA VAL B 316 19.06 7.53 -0.59
C VAL B 316 20.40 8.25 -0.47
N ASP B 317 20.46 9.26 0.39
CA ASP B 317 21.70 10.00 0.59
C ASP B 317 22.88 9.08 0.86
N VAL B 318 22.76 8.20 1.84
CA VAL B 318 23.85 7.31 2.15
C VAL B 318 24.00 6.26 1.05
N GLY B 319 23.17 6.38 0.03
CA GLY B 319 23.22 5.46 -1.11
C GLY B 319 22.75 4.06 -0.79
N TYR B 320 22.03 3.93 0.32
CA TYR B 320 21.54 2.64 0.75
C TYR B 320 20.64 2.02 -0.31
N GLU B 321 20.91 0.77 -0.65
CA GLU B 321 20.12 0.07 -1.65
C GLU B 321 19.99 -1.38 -1.27
N GLY B 322 20.10 -1.65 0.02
CA GLY B 322 19.99 -3.03 0.48
C GLY B 322 18.55 -3.49 0.72
N VAL B 323 18.40 -4.52 1.56
CA VAL B 323 17.10 -5.09 1.89
C VAL B 323 16.36 -4.21 2.90
N ILE B 324 15.09 -3.96 2.64
CA ILE B 324 14.30 -3.14 3.55
C ILE B 324 12.93 -3.78 3.66
N ARG B 325 12.36 -3.76 4.84
CA ARG B 325 11.04 -4.36 4.98
C ARG B 325 10.26 -3.52 5.96
N PRO B 326 8.93 -3.41 5.75
CA PRO B 326 8.06 -2.62 6.62
C PRO B 326 7.99 -3.38 7.93
N ASP B 327 7.85 -2.67 9.02
CA ASP B 327 7.78 -3.41 10.26
C ASP B 327 6.35 -3.48 10.74
N HIS B 328 6.19 -3.92 11.98
CA HIS B 328 4.86 -4.05 12.55
C HIS B 328 4.05 -2.82 12.18
N GLY B 329 2.77 -3.06 11.96
CA GLY B 329 1.84 -2.01 11.62
C GLY B 329 0.69 -2.10 12.61
N ARG B 330 -0.48 -2.51 12.13
CA ARG B 330 -1.69 -2.60 12.96
C ARG B 330 -2.53 -3.81 12.61
N ALA B 331 -3.39 -4.22 13.54
CA ALA B 331 -4.27 -5.33 13.26
C ALA B 331 -5.45 -4.65 12.61
N ILE B 332 -5.69 -4.93 11.35
CA ILE B 332 -6.80 -4.28 10.70
C ILE B 332 -7.61 -5.27 9.89
N TRP B 333 -8.72 -4.77 9.35
CA TRP B 333 -9.63 -5.54 8.52
C TRP B 333 -10.06 -6.84 9.14
N ASP B 334 -10.55 -6.77 10.38
CA ASP B 334 -11.01 -7.97 11.07
C ASP B 334 -10.11 -9.17 10.83
N GLU B 335 -8.86 -9.09 11.30
CA GLU B 335 -7.96 -10.21 11.14
C GLU B 335 -7.74 -10.81 12.53
N LYS B 336 -7.59 -12.13 12.59
CA LYS B 336 -7.39 -12.83 13.86
C LYS B 336 -5.99 -12.61 14.42
N ALA B 337 -5.05 -12.40 13.51
CA ALA B 337 -3.65 -12.19 13.85
C ALA B 337 -3.41 -11.01 14.80
N PRO B 339 -1.89 -7.72 16.31
CA PRO B 339 -1.35 -6.51 15.66
C PRO B 339 0.15 -6.51 15.36
N GLY B 340 0.47 -6.27 14.09
CA GLY B 340 1.86 -6.22 13.67
C GLY B 340 2.40 -7.54 13.19
N TYR B 341 1.51 -8.48 12.88
CA TYR B 341 1.89 -9.82 12.44
C TYR B 341 1.04 -10.33 11.27
N GLY B 342 0.06 -9.53 10.87
CA GLY B 342 -0.81 -9.90 9.77
C GLY B 342 -0.23 -9.45 8.45
N LEU B 343 -0.92 -9.77 7.36
CA LEU B 343 -0.45 -9.42 6.02
C LEU B 343 -0.91 -8.04 5.55
N TYR B 344 -2.15 -7.69 5.87
CA TYR B 344 -2.74 -6.43 5.44
C TYR B 344 -1.94 -5.13 5.59
N ASP B 345 -1.92 -4.55 6.78
CA ASP B 345 -1.19 -3.28 7.00
C ASP B 345 0.30 -3.36 6.64
N ARG B 346 0.90 -4.54 6.75
CA ARG B 346 2.30 -4.68 6.42
C ARG B 346 2.51 -4.59 4.94
N ALA B 347 1.70 -5.34 4.20
CA ALA B 347 1.78 -5.33 2.77
C ALA B 347 1.43 -3.92 2.28
N GLY B 349 1.88 -1.27 3.79
CA GLY B 349 3.00 -0.42 4.13
C GLY B 349 4.15 -0.60 3.15
N LEU B 350 4.30 -1.82 2.66
CA LEU B 350 5.37 -2.12 1.73
C LEU B 350 5.23 -1.41 0.40
N THR B 351 4.02 -0.96 0.07
CA THR B 351 3.83 -0.26 -1.20
C THR B 351 3.99 1.25 -1.06
N TYR B 352 3.61 1.75 0.11
CA TYR B 352 3.75 3.18 0.39
C TYR B 352 5.26 3.54 0.31
N ILE B 353 6.10 2.82 1.05
CA ILE B 353 7.53 3.09 1.02
C ILE B 353 8.10 2.99 -0.39
N GLN B 354 7.58 2.09 -1.23
CA GLN B 354 8.13 2.03 -2.58
C GLN B 354 7.71 3.30 -3.30
N GLY B 355 6.58 3.87 -2.91
CA GLY B 355 6.12 5.10 -3.54
C GLY B 355 7.00 6.26 -3.11
N LEU B 356 7.50 6.16 -1.87
CA LEU B 356 8.39 7.18 -1.35
C LEU B 356 9.67 7.03 -2.13
N TYR B 357 10.24 5.84 -2.06
CA TYR B 357 11.47 5.57 -2.78
C TYR B 357 11.40 6.07 -4.22
N GLU B 358 10.53 5.46 -5.04
CA GLU B 358 10.42 5.83 -6.46
C GLU B 358 10.57 7.32 -6.71
N ALA B 359 9.68 8.10 -6.11
CA ALA B 359 9.67 9.56 -6.27
C ALA B 359 10.95 10.23 -5.81
N THR B 360 11.36 9.91 -4.59
CA THR B 360 12.59 10.46 -4.07
C THR B 360 13.73 10.10 -5.02
N LYS B 361 13.85 8.81 -5.36
CA LYS B 361 14.92 8.38 -6.25
C LYS B 361 14.80 9.04 -7.62
N ALA B 362 13.59 9.48 -7.94
CA ALA B 362 13.36 10.14 -9.23
C ALA B 362 13.98 11.53 -9.24
N LYS B 363 15.10 11.65 -8.53
CA LYS B 363 15.85 12.89 -8.45
C LYS B 363 17.34 12.52 -8.52
#